data_4ZPP
#
_entry.id   4ZPP
#
_cell.length_a   67.188
_cell.length_b   84.563
_cell.length_c   109.144
_cell.angle_alpha   90.00
_cell.angle_beta   106.43
_cell.angle_gamma   90.00
#
_symmetry.space_group_name_H-M   'P 1 21 1'
#
loop_
_entity.id
_entity.type
_entity.pdbx_description
1 polymer 'MCG133388, isoform CRA_f'
2 branched 2-acetamido-2-deoxy-beta-D-glucopyranose-(1-4)-2-acetamido-2-deoxy-beta-D-glucopyranose
3 non-polymer 'CALCIUM ION'
4 non-polymer alpha-D-mannopyranose
5 water water
#
_entity_poly.entity_id   1
_entity_poly.type   'polypeptide(L)'
_entity_poly.pdbx_seq_one_letter_code
;QLRYSVVEESEPGTLVGNVAQDLGLKGTDLLSRRLRLGSEENGRYFSLSLVSGALAVSQKIDRESLCGASTSCLLPVQVV
TEHPLELTRVEVEILDLNDNSPSFATPDREMRISESAAPGARFPLDSAQDPDVGTNTVSFYTLSPNSHFSLHVKTLKDGK
LFPELVLEQQLDRETQARHQLVLTAVDGGTPARSGTSLISVIVLDVNDNAPTFQSSVLRVGLPENTPPGTLLLRLNATDP
DEGTNGQLDYSFGDHTSETVKNLFGLDPSSGAIHVLGPVDFEESNFYEIHARARDQGQPAMEGHCVIQVDVGDANDHHHH
HHHH
;
_entity_poly.pdbx_strand_id   A,B
#
loop_
_chem_comp.id
_chem_comp.type
_chem_comp.name
_chem_comp.formula
CA non-polymer 'CALCIUM ION' 'Ca 2'
MAN D-saccharide, alpha linking alpha-D-mannopyranose 'C6 H12 O6'
NAG D-saccharide, beta linking 2-acetamido-2-deoxy-beta-D-glucopyranose 'C8 H15 N O6'
#
# COMPACT_ATOMS: atom_id res chain seq x y z
N GLN A 1 -28.05 -5.79 -32.47
CA GLN A 1 -28.99 -4.81 -32.97
C GLN A 1 -29.38 -3.77 -31.93
N LEU A 2 -29.65 -4.22 -30.70
CA LEU A 2 -30.15 -3.32 -29.65
C LEU A 2 -29.11 -2.93 -28.59
N ARG A 3 -29.01 -1.62 -28.33
CA ARG A 3 -28.10 -1.13 -27.30
C ARG A 3 -28.81 -0.25 -26.28
N TYR A 4 -28.78 -0.68 -25.03
CA TYR A 4 -29.43 0.05 -23.94
C TYR A 4 -28.42 0.46 -22.88
N SER A 5 -28.82 1.38 -22.01
CA SER A 5 -27.98 1.78 -20.88
C SER A 5 -28.79 1.85 -19.60
N VAL A 6 -28.13 1.63 -18.47
CA VAL A 6 -28.78 1.71 -17.18
C VAL A 6 -27.75 2.17 -16.14
N VAL A 7 -28.20 2.95 -15.17
CA VAL A 7 -27.31 3.41 -14.12
C VAL A 7 -27.07 2.31 -13.10
N GLU A 8 -25.80 2.17 -12.72
CA GLU A 8 -25.36 1.22 -11.71
C GLU A 8 -26.12 1.39 -10.38
N GLU A 9 -26.26 0.29 -9.64
CA GLU A 9 -26.92 0.24 -8.33
C GLU A 9 -28.40 0.59 -8.38
N SER A 10 -28.97 0.63 -9.58
CA SER A 10 -30.40 0.93 -9.71
C SER A 10 -31.22 -0.21 -9.11
N GLU A 11 -32.34 0.15 -8.49
CA GLU A 11 -33.20 -0.83 -7.83
C GLU A 11 -33.86 -1.77 -8.83
N PRO A 12 -34.11 -3.02 -8.42
CA PRO A 12 -34.76 -4.03 -9.28
C PRO A 12 -36.09 -3.55 -9.83
N GLY A 13 -36.28 -3.66 -11.14
CA GLY A 13 -37.50 -3.22 -11.79
C GLY A 13 -37.28 -1.98 -12.62
N THR A 14 -36.08 -1.44 -12.56
CA THR A 14 -35.75 -0.23 -13.30
C THR A 14 -35.67 -0.51 -14.80
N LEU A 15 -36.35 0.32 -15.58
CA LEU A 15 -36.44 0.13 -17.03
C LEU A 15 -35.08 0.30 -17.68
N VAL A 16 -34.73 -0.68 -18.53
CA VAL A 16 -33.47 -0.65 -19.27
C VAL A 16 -33.74 -0.29 -20.73
N GLY A 17 -34.80 -0.86 -21.28
CA GLY A 17 -35.21 -0.56 -22.65
C GLY A 17 -36.41 -1.37 -23.07
N ASN A 18 -37.25 -0.81 -23.94
CA ASN A 18 -38.42 -1.52 -24.44
CA ASN A 18 -38.41 -1.51 -24.44
C ASN A 18 -38.06 -2.39 -25.63
N VAL A 19 -37.67 -3.63 -25.33
CA VAL A 19 -37.26 -4.59 -26.37
C VAL A 19 -38.37 -4.85 -27.38
N ALA A 20 -39.57 -5.15 -26.88
CA ALA A 20 -40.69 -5.49 -27.74
C ALA A 20 -41.01 -4.37 -28.72
N GLN A 21 -40.94 -3.13 -28.25
CA GLN A 21 -41.21 -1.98 -29.10
C GLN A 21 -40.16 -1.88 -30.19
N ASP A 22 -38.91 -2.11 -29.82
CA ASP A 22 -37.78 -1.99 -30.74
C ASP A 22 -37.73 -3.12 -31.76
N LEU A 23 -38.39 -4.24 -31.43
CA LEU A 23 -38.40 -5.40 -32.30
C LEU A 23 -39.67 -5.48 -33.15
N GLY A 24 -40.58 -4.53 -32.93
CA GLY A 24 -41.82 -4.49 -33.67
C GLY A 24 -42.86 -5.51 -33.21
N LEU A 25 -42.82 -5.84 -31.92
CA LEU A 25 -43.75 -6.80 -31.34
C LEU A 25 -44.81 -6.08 -30.51
N LYS A 26 -46.04 -6.59 -30.54
CA LYS A 26 -47.11 -6.00 -29.73
C LYS A 26 -48.20 -7.00 -29.37
N GLY A 27 -48.69 -6.90 -28.14
CA GLY A 27 -49.82 -7.70 -27.69
C GLY A 27 -49.60 -9.20 -27.64
N THR A 28 -50.37 -9.92 -28.44
CA THR A 28 -50.31 -11.39 -28.47
C THR A 28 -48.98 -11.89 -29.02
N ASP A 29 -48.30 -11.04 -29.79
CA ASP A 29 -47.02 -11.40 -30.39
C ASP A 29 -45.98 -11.80 -29.35
N LEU A 30 -46.10 -11.24 -28.16
CA LEU A 30 -45.12 -11.50 -27.10
C LEU A 30 -45.22 -12.92 -26.58
N LEU A 31 -46.38 -13.53 -26.71
CA LEU A 31 -46.59 -14.89 -26.22
C LEU A 31 -46.70 -15.88 -27.37
N SER A 32 -47.01 -15.37 -28.56
CA SER A 32 -47.07 -16.21 -29.75
C SER A 32 -45.67 -16.50 -30.28
N ARG A 33 -44.78 -15.51 -30.15
CA ARG A 33 -43.41 -15.65 -30.64
CA ARG A 33 -43.41 -15.67 -30.65
C ARG A 33 -42.46 -16.07 -29.51
N ARG A 34 -43.03 -16.32 -28.34
CA ARG A 34 -42.28 -16.83 -27.18
C ARG A 34 -41.04 -16.01 -26.85
N LEU A 35 -41.24 -14.71 -26.60
CA LEU A 35 -40.16 -13.80 -26.27
C LEU A 35 -39.39 -14.26 -25.03
N ARG A 36 -38.08 -14.35 -25.17
CA ARG A 36 -37.24 -14.92 -24.11
C ARG A 36 -35.91 -14.20 -23.93
N LEU A 37 -35.19 -14.60 -22.89
CA LEU A 37 -33.78 -14.27 -22.75
C LEU A 37 -32.94 -15.50 -23.04
N GLY A 38 -31.70 -15.29 -23.46
CA GLY A 38 -30.80 -16.40 -23.75
C GLY A 38 -30.44 -17.16 -22.49
N SER A 39 -29.94 -18.39 -22.67
CA SER A 39 -29.58 -19.23 -21.54
C SER A 39 -28.25 -18.81 -20.92
N GLU A 40 -27.71 -17.67 -21.35
CA GLU A 40 -26.45 -17.16 -20.82
C GLU A 40 -26.61 -16.66 -19.38
N GLU A 41 -25.48 -16.47 -18.71
CA GLU A 41 -25.49 -16.06 -17.31
C GLU A 41 -25.98 -14.63 -17.12
N ASN A 42 -25.89 -13.82 -18.17
CA ASN A 42 -26.25 -12.40 -18.07
C ASN A 42 -27.75 -12.19 -17.95
N GLY A 43 -28.52 -13.27 -18.03
CA GLY A 43 -29.95 -13.20 -17.80
C GLY A 43 -30.28 -13.16 -16.32
N ARG A 44 -29.27 -13.32 -15.48
CA ARG A 44 -29.46 -13.25 -14.04
C ARG A 44 -29.63 -11.81 -13.59
N TYR A 45 -29.11 -10.88 -14.39
CA TYR A 45 -29.15 -9.47 -14.03
C TYR A 45 -30.38 -8.76 -14.59
N PHE A 46 -31.02 -9.35 -15.58
CA PHE A 46 -32.15 -8.70 -16.23
C PHE A 46 -33.42 -9.54 -16.27
N SER A 47 -34.55 -8.86 -16.42
CA SER A 47 -35.84 -9.52 -16.57
C SER A 47 -36.55 -8.96 -17.81
N LEU A 48 -37.22 -9.84 -18.55
CA LEU A 48 -37.97 -9.41 -19.71
C LEU A 48 -39.45 -9.60 -19.44
N SER A 49 -40.16 -8.49 -19.29
CA SER A 49 -41.57 -8.51 -18.92
C SER A 49 -42.46 -9.25 -19.92
N LEU A 50 -43.28 -10.15 -19.42
CA LEU A 50 -44.22 -10.88 -20.25
C LEU A 50 -45.32 -9.93 -20.74
N VAL A 51 -45.60 -8.90 -19.94
CA VAL A 51 -46.64 -7.93 -20.27
C VAL A 51 -46.08 -6.75 -21.05
N SER A 52 -45.08 -6.08 -20.47
CA SER A 52 -44.50 -4.89 -21.07
C SER A 52 -43.67 -5.21 -22.30
N GLY A 53 -42.93 -6.31 -22.24
CA GLY A 53 -41.96 -6.62 -23.27
C GLY A 53 -40.70 -5.81 -23.04
N ALA A 54 -40.69 -5.03 -21.96
CA ALA A 54 -39.56 -4.19 -21.64
C ALA A 54 -38.50 -4.94 -20.84
N LEU A 55 -37.24 -4.60 -21.10
CA LEU A 55 -36.13 -5.18 -20.37
C LEU A 55 -35.88 -4.40 -19.07
N ALA A 56 -35.83 -5.11 -17.95
CA ALA A 56 -35.64 -4.46 -16.67
C ALA A 56 -34.51 -5.10 -15.87
N VAL A 57 -34.05 -4.39 -14.85
CA VAL A 57 -33.00 -4.89 -13.97
C VAL A 57 -33.57 -5.89 -12.98
N SER A 58 -32.95 -7.07 -12.91
CA SER A 58 -33.42 -8.14 -12.05
C SER A 58 -32.85 -8.04 -10.64
N GLN A 59 -31.65 -7.50 -10.52
CA GLN A 59 -31.00 -7.34 -9.21
C GLN A 59 -30.07 -6.15 -9.21
N LYS A 60 -29.83 -5.58 -8.04
CA LYS A 60 -28.96 -4.41 -7.90
C LYS A 60 -27.56 -4.70 -8.43
N ILE A 61 -27.17 -3.97 -9.48
CA ILE A 61 -25.94 -4.25 -10.22
C ILE A 61 -24.77 -3.35 -9.82
N ASP A 62 -23.67 -3.96 -9.39
CA ASP A 62 -22.50 -3.20 -9.00
C ASP A 62 -21.44 -3.25 -10.08
N ARG A 63 -21.25 -2.13 -10.77
CA ARG A 63 -20.33 -2.13 -11.90
C ARG A 63 -18.88 -2.17 -11.43
N GLU A 64 -18.66 -1.80 -10.17
CA GLU A 64 -17.34 -1.95 -9.58
C GLU A 64 -16.96 -3.42 -9.51
N SER A 65 -17.89 -4.25 -9.06
CA SER A 65 -17.66 -5.69 -8.96
C SER A 65 -17.64 -6.38 -10.32
N LEU A 66 -18.19 -5.72 -11.33
CA LEU A 66 -18.25 -6.29 -12.68
C LEU A 66 -17.06 -5.91 -13.54
N CYS A 67 -16.92 -4.62 -13.82
CA CYS A 67 -15.94 -4.15 -14.79
C CYS A 67 -14.66 -3.62 -14.15
N GLY A 68 -14.70 -3.38 -12.85
CA GLY A 68 -13.56 -2.83 -12.14
C GLY A 68 -13.21 -1.43 -12.63
N ALA A 69 -12.07 -1.31 -13.30
CA ALA A 69 -11.57 -0.01 -13.73
C ALA A 69 -11.70 0.20 -15.23
N SER A 70 -12.54 -0.60 -15.87
CA SER A 70 -12.78 -0.47 -17.31
C SER A 70 -13.48 0.84 -17.61
N THR A 71 -13.13 1.45 -18.75
CA THR A 71 -13.76 2.69 -19.18
C THR A 71 -15.25 2.49 -19.39
N SER A 72 -15.62 1.35 -19.97
CA SER A 72 -17.02 1.03 -20.22
C SER A 72 -17.36 -0.37 -19.71
N CYS A 73 -18.58 -0.52 -19.21
CA CYS A 73 -19.04 -1.78 -18.64
C CYS A 73 -20.20 -2.35 -19.46
N LEU A 74 -19.88 -3.26 -20.37
CA LEU A 74 -20.89 -3.82 -21.27
C LEU A 74 -21.36 -5.19 -20.80
N LEU A 75 -22.68 -5.36 -20.77
CA LEU A 75 -23.30 -6.59 -20.32
C LEU A 75 -24.20 -7.15 -21.43
N PRO A 76 -23.68 -8.13 -22.18
CA PRO A 76 -24.38 -8.66 -23.35
C PRO A 76 -25.40 -9.75 -23.01
N VAL A 77 -26.66 -9.50 -23.39
CA VAL A 77 -27.71 -10.51 -23.23
C VAL A 77 -28.29 -10.85 -24.60
N GLN A 78 -29.01 -11.97 -24.67
CA GLN A 78 -29.54 -12.46 -25.94
C GLN A 78 -31.05 -12.61 -25.89
N VAL A 79 -31.73 -11.96 -26.83
CA VAL A 79 -33.19 -12.04 -26.91
C VAL A 79 -33.63 -13.06 -27.97
N VAL A 80 -34.54 -13.94 -27.59
CA VAL A 80 -35.00 -15.00 -28.49
C VAL A 80 -36.50 -14.88 -28.81
N THR A 81 -36.82 -14.86 -30.09
CA THR A 81 -38.21 -14.92 -30.54
C THR A 81 -38.38 -16.14 -31.43
N GLU A 82 -39.61 -16.65 -31.53
CA GLU A 82 -39.88 -17.80 -32.39
C GLU A 82 -40.99 -17.52 -33.39
N HIS A 83 -41.16 -18.43 -34.34
CA HIS A 83 -42.23 -18.37 -35.32
C HIS A 83 -42.35 -17.01 -36.03
N PRO A 84 -41.34 -16.62 -36.82
CA PRO A 84 -40.10 -17.35 -37.11
C PRO A 84 -39.04 -17.10 -36.03
N LEU A 85 -38.13 -18.04 -35.84
CA LEU A 85 -37.09 -17.85 -34.83
C LEU A 85 -35.99 -16.94 -35.35
N GLU A 86 -35.68 -15.92 -34.56
CA GLU A 86 -34.62 -14.98 -34.89
C GLU A 86 -34.04 -14.41 -33.61
N LEU A 87 -32.72 -14.26 -33.57
CA LEU A 87 -32.04 -13.83 -32.36
C LEU A 87 -31.55 -12.41 -32.43
N THR A 88 -31.62 -11.72 -31.31
CA THR A 88 -31.16 -10.35 -31.22
C THR A 88 -30.12 -10.21 -30.11
N ARG A 89 -28.96 -9.66 -30.45
CA ARG A 89 -27.93 -9.39 -29.45
C ARG A 89 -28.20 -8.03 -28.81
N VAL A 90 -28.28 -8.01 -27.49
CA VAL A 90 -28.53 -6.78 -26.76
C VAL A 90 -27.34 -6.42 -25.88
N GLU A 91 -26.81 -5.22 -26.05
CA GLU A 91 -25.76 -4.74 -25.16
C GLU A 91 -26.30 -3.69 -24.21
N VAL A 92 -26.30 -4.03 -22.92
CA VAL A 92 -26.66 -3.09 -21.88
C VAL A 92 -25.38 -2.51 -21.28
N GLU A 93 -25.25 -1.18 -21.31
CA GLU A 93 -24.11 -0.52 -20.69
C GLU A 93 -24.44 -0.12 -19.26
N ILE A 94 -23.58 -0.49 -18.32
CA ILE A 94 -23.74 -0.09 -16.93
C ILE A 94 -22.98 1.21 -16.68
N LEU A 95 -23.71 2.28 -16.42
CA LEU A 95 -23.11 3.59 -16.23
C LEU A 95 -22.60 3.76 -14.81
N ASP A 96 -21.46 4.44 -14.65
CA ASP A 96 -20.83 4.57 -13.34
C ASP A 96 -21.51 5.59 -12.44
N LEU A 97 -21.85 5.16 -11.24
CA LEU A 97 -22.38 6.05 -10.21
C LEU A 97 -21.27 6.39 -9.23
N ASN A 98 -21.29 7.61 -8.70
CA ASN A 98 -20.27 8.03 -7.73
C ASN A 98 -20.64 7.57 -6.33
N ASP A 99 -20.72 6.26 -6.13
CA ASP A 99 -21.22 5.72 -4.87
C ASP A 99 -20.10 5.18 -3.98
N ASN A 100 -18.86 5.34 -4.43
CA ASN A 100 -17.71 4.95 -3.60
C ASN A 100 -16.94 6.17 -3.12
N SER A 101 -16.48 6.10 -1.88
CA SER A 101 -15.76 7.23 -1.26
C SER A 101 -14.28 6.93 -1.19
N PRO A 102 -13.44 7.96 -1.34
CA PRO A 102 -11.99 7.82 -1.20
C PRO A 102 -11.59 7.16 0.11
N SER A 103 -10.72 6.16 0.04
CA SER A 103 -10.29 5.41 1.22
C SER A 103 -8.77 5.41 1.39
N PHE A 104 -8.30 5.38 2.64
CA PHE A 104 -6.87 5.21 2.91
C PHE A 104 -6.63 3.85 3.53
N ALA A 105 -5.38 3.39 3.46
CA ALA A 105 -4.99 2.11 4.03
C ALA A 105 -5.23 2.10 5.53
N THR A 106 -4.76 3.16 6.20
CA THR A 106 -4.88 3.28 7.64
C THR A 106 -5.39 4.66 8.04
N PRO A 107 -6.27 4.71 9.06
CA PRO A 107 -6.79 5.98 9.58
C PRO A 107 -5.68 6.84 10.18
N ASP A 108 -4.69 6.20 10.79
CA ASP A 108 -3.58 6.89 11.42
C ASP A 108 -2.24 6.38 10.91
N ARG A 109 -1.43 7.29 10.38
CA ARG A 109 -0.12 6.95 9.84
CA ARG A 109 -0.12 6.92 9.86
C ARG A 109 0.98 7.69 10.60
N GLU A 110 1.95 6.95 11.12
CA GLU A 110 3.05 7.56 11.85
C GLU A 110 4.27 7.77 10.95
N MET A 111 4.84 8.97 11.01
CA MET A 111 6.06 9.27 10.27
C MET A 111 7.16 9.76 11.20
N ARG A 112 8.23 8.99 11.32
CA ARG A 112 9.35 9.37 12.17
C ARG A 112 10.45 10.08 11.38
N ILE A 113 10.46 11.41 11.46
CA ILE A 113 11.46 12.22 10.77
C ILE A 113 12.47 12.81 11.75
N SER A 114 13.75 12.69 11.41
CA SER A 114 14.81 13.25 12.24
C SER A 114 14.75 14.76 12.27
N GLU A 115 15.18 15.34 13.40
CA GLU A 115 15.14 16.78 13.61
C GLU A 115 16.06 17.51 12.65
N SER A 116 17.12 16.82 12.24
CA SER A 116 18.15 17.40 11.38
C SER A 116 17.77 17.38 9.90
N ALA A 117 16.50 17.05 9.63
CA ALA A 117 16.02 16.96 8.26
C ALA A 117 16.20 18.28 7.52
N ALA A 118 16.86 18.21 6.36
CA ALA A 118 17.11 19.39 5.55
C ALA A 118 15.84 19.84 4.84
N PRO A 119 15.59 21.15 4.81
CA PRO A 119 14.48 21.72 4.04
C PRO A 119 14.50 21.23 2.59
N GLY A 120 13.34 20.80 2.09
CA GLY A 120 13.25 20.29 0.74
C GLY A 120 13.18 18.79 0.70
N ALA A 121 13.44 18.15 1.84
CA ALA A 121 13.36 16.70 1.95
C ALA A 121 11.94 16.23 1.67
N ARG A 122 11.81 15.31 0.72
CA ARG A 122 10.49 14.84 0.29
C ARG A 122 10.11 13.55 1.00
N PHE A 123 8.86 13.49 1.47
CA PHE A 123 8.35 12.33 2.17
C PHE A 123 7.06 11.83 1.54
N PRO A 124 7.16 10.78 0.72
CA PRO A 124 6.01 10.20 0.02
C PRO A 124 4.89 9.75 0.95
N LEU A 125 3.65 9.98 0.52
CA LEU A 125 2.48 9.60 1.30
C LEU A 125 1.72 8.45 0.64
N ASP A 126 1.02 7.67 1.46
CA ASP A 126 0.20 6.58 0.96
C ASP A 126 -0.99 7.13 0.17
N SER A 127 -1.13 6.68 -1.06
CA SER A 127 -2.18 7.18 -1.95
C SER A 127 -3.55 6.59 -1.62
N ALA A 128 -4.59 7.41 -1.74
CA ALA A 128 -5.95 6.96 -1.46
C ALA A 128 -6.59 6.29 -2.68
N GLN A 129 -7.65 5.54 -2.44
CA GLN A 129 -8.29 4.76 -3.51
C GLN A 129 -9.78 5.06 -3.65
N ASP A 130 -10.28 4.93 -4.86
CA ASP A 130 -11.70 5.16 -5.16
C ASP A 130 -12.11 4.38 -6.40
N PRO A 131 -12.68 3.19 -6.20
CA PRO A 131 -12.96 2.22 -7.28
C PRO A 131 -13.93 2.73 -8.36
N ASP A 132 -14.39 3.97 -8.24
CA ASP A 132 -15.20 4.59 -9.28
C ASP A 132 -14.30 5.01 -10.45
N VAL A 133 -14.91 5.28 -11.59
CA VAL A 133 -14.15 5.64 -12.79
C VAL A 133 -14.43 7.09 -13.21
N GLY A 134 -13.61 7.61 -14.13
CA GLY A 134 -13.77 8.97 -14.62
C GLY A 134 -13.42 9.98 -13.55
N THR A 135 -14.27 10.98 -13.38
CA THR A 135 -14.05 12.00 -12.36
C THR A 135 -14.57 11.54 -11.01
N ASN A 136 -15.24 10.38 -10.99
CA ASN A 136 -15.81 9.86 -9.76
C ASN A 136 -14.75 9.24 -8.85
N THR A 137 -13.51 9.21 -9.32
CA THR A 137 -12.40 8.71 -8.52
C THR A 137 -11.63 9.89 -7.92
N VAL A 138 -10.55 9.60 -7.19
CA VAL A 138 -9.81 10.63 -6.45
C VAL A 138 -9.36 11.78 -7.35
N SER A 139 -9.78 12.99 -7.00
CA SER A 139 -9.52 14.17 -7.82
C SER A 139 -8.34 14.99 -7.32
N PHE A 140 -8.32 15.28 -6.02
CA PHE A 140 -7.23 16.07 -5.43
C PHE A 140 -7.06 15.76 -3.96
N TYR A 141 -5.92 16.19 -3.41
CA TYR A 141 -5.63 16.03 -1.99
C TYR A 141 -5.55 17.40 -1.32
N THR A 142 -5.82 17.43 -0.02
CA THR A 142 -5.59 18.63 0.78
C THR A 142 -4.84 18.29 2.07
N LEU A 143 -3.99 19.21 2.49
CA LEU A 143 -3.25 19.06 3.75
C LEU A 143 -3.64 20.18 4.70
N SER A 144 -3.92 19.81 5.96
CA SER A 144 -4.33 20.78 6.96
C SER A 144 -3.28 21.86 7.12
N PRO A 145 -3.72 23.10 7.39
CA PRO A 145 -2.82 24.25 7.57
C PRO A 145 -1.80 24.01 8.67
N ASN A 146 -0.52 24.04 8.30
CA ASN A 146 0.55 23.95 9.28
C ASN A 146 1.69 24.89 8.90
N SER A 147 2.83 24.74 9.57
CA SER A 147 3.90 25.72 9.45
C SER A 147 5.25 25.12 9.06
N HIS A 148 5.28 23.83 8.78
CA HIS A 148 6.54 23.16 8.48
C HIS A 148 6.49 22.33 7.21
N PHE A 149 5.34 21.75 6.93
CA PHE A 149 5.21 20.84 5.79
C PHE A 149 4.30 21.37 4.70
N SER A 150 4.63 20.99 3.47
CA SER A 150 3.83 21.38 2.30
C SER A 150 3.37 20.13 1.56
N LEU A 151 2.14 20.16 1.09
CA LEU A 151 1.62 19.06 0.30
C LEU A 151 1.95 19.26 -1.17
N HIS A 152 2.42 18.20 -1.82
CA HIS A 152 2.70 18.26 -3.25
C HIS A 152 2.17 17.01 -3.93
N VAL A 153 1.28 17.22 -4.90
CA VAL A 153 0.72 16.12 -5.67
C VAL A 153 1.09 16.28 -7.13
N LYS A 154 1.78 15.28 -7.69
CA LYS A 154 2.10 15.30 -9.10
C LYS A 154 1.38 14.17 -9.83
N THR A 155 0.95 14.44 -11.06
CA THR A 155 0.28 13.43 -11.87
C THR A 155 1.31 12.64 -12.68
N LEU A 156 1.31 11.32 -12.51
CA LEU A 156 2.26 10.46 -13.20
C LEU A 156 1.86 10.24 -14.65
N LYS A 157 2.77 9.65 -15.42
CA LYS A 157 2.48 9.29 -16.82
C LYS A 157 1.34 8.28 -16.88
N ASP A 158 1.19 7.54 -15.79
CA ASP A 158 0.07 6.61 -15.64
C ASP A 158 -1.24 7.36 -15.56
N GLY A 159 -1.24 8.48 -14.86
CA GLY A 159 -2.44 9.28 -14.68
C GLY A 159 -2.93 9.25 -13.25
N LYS A 160 -2.33 8.38 -12.45
CA LYS A 160 -2.67 8.27 -11.03
C LYS A 160 -1.98 9.35 -10.22
N LEU A 161 -2.60 9.75 -9.13
CA LEU A 161 -2.07 10.81 -8.28
C LEU A 161 -1.08 10.29 -7.24
N PHE A 162 0.00 11.05 -7.06
CA PHE A 162 1.05 10.68 -6.12
C PHE A 162 1.34 11.84 -5.17
N PRO A 163 0.84 11.74 -3.93
CA PRO A 163 1.00 12.80 -2.93
C PRO A 163 2.26 12.60 -2.07
N GLU A 164 2.94 13.70 -1.75
CA GLU A 164 4.12 13.63 -0.89
C GLU A 164 4.28 14.90 -0.07
N LEU A 165 4.84 14.74 1.12
CA LEU A 165 5.09 15.87 2.01
C LEU A 165 6.43 16.53 1.71
N VAL A 166 6.45 17.86 1.76
CA VAL A 166 7.69 18.60 1.57
C VAL A 166 7.98 19.45 2.81
N LEU A 167 9.20 19.36 3.32
CA LEU A 167 9.58 20.11 4.51
C LEU A 167 9.97 21.54 4.13
N GLU A 168 9.14 22.50 4.50
CA GLU A 168 9.38 23.91 4.19
C GLU A 168 10.30 24.57 5.21
N GLN A 169 10.05 24.31 6.49
CA GLN A 169 10.88 24.88 7.56
C GLN A 169 11.54 23.76 8.35
N GLN A 170 12.76 24.02 8.84
CA GLN A 170 13.50 23.03 9.61
C GLN A 170 12.82 22.73 10.94
N LEU A 171 12.72 21.44 11.28
CA LEU A 171 12.06 21.01 12.50
C LEU A 171 12.89 21.32 13.75
N ASP A 172 12.26 21.23 14.91
CA ASP A 172 12.95 21.44 16.18
C ASP A 172 12.22 20.76 17.34
N ARG A 173 12.71 19.58 17.72
CA ARG A 173 12.06 18.77 18.76
C ARG A 173 11.92 19.50 20.09
N GLU A 174 12.82 20.44 20.34
CA GLU A 174 12.78 21.21 21.58
C GLU A 174 11.65 22.23 21.58
N THR A 175 11.06 22.46 20.41
CA THR A 175 9.89 23.33 20.30
C THR A 175 8.60 22.50 20.35
N GLN A 176 8.46 21.59 19.40
CA GLN A 176 7.37 20.62 19.44
C GLN A 176 7.82 19.31 18.83
N ALA A 177 7.65 18.22 19.58
CA ALA A 177 8.14 16.91 19.19
C ALA A 177 7.12 16.13 18.39
N ARG A 178 5.99 16.76 18.09
CA ARG A 178 4.94 16.10 17.32
C ARG A 178 4.16 17.09 16.46
N HIS A 179 4.02 16.76 15.19
CA HIS A 179 3.16 17.51 14.28
C HIS A 179 2.05 16.60 13.76
N GLN A 180 0.81 16.92 14.12
CA GLN A 180 -0.32 16.16 13.61
C GLN A 180 -0.91 16.85 12.39
N LEU A 181 -0.91 16.14 11.26
CA LEU A 181 -1.42 16.70 10.02
C LEU A 181 -2.55 15.83 9.48
N VAL A 182 -3.52 16.48 8.82
CA VAL A 182 -4.64 15.76 8.26
C VAL A 182 -4.60 15.75 6.73
N LEU A 183 -4.48 14.55 6.17
CA LEU A 183 -4.46 14.37 4.73
C LEU A 183 -5.82 13.93 4.21
N THR A 184 -6.43 14.76 3.37
CA THR A 184 -7.76 14.50 2.87
C THR A 184 -7.76 14.26 1.37
N ALA A 185 -8.36 13.15 0.95
CA ALA A 185 -8.53 12.86 -0.47
C ALA A 185 -9.97 13.14 -0.88
N VAL A 186 -10.15 13.85 -1.99
CA VAL A 186 -11.48 14.23 -2.46
C VAL A 186 -11.68 13.85 -3.92
N ASP A 187 -12.78 13.17 -4.23
CA ASP A 187 -13.07 12.81 -5.61
C ASP A 187 -13.71 13.99 -6.36
N GLY A 188 -13.97 13.81 -7.65
CA GLY A 188 -14.53 14.87 -8.47
C GLY A 188 -16.01 14.72 -8.70
N GLY A 189 -16.71 14.13 -7.74
CA GLY A 189 -18.15 13.99 -7.83
C GLY A 189 -18.86 15.23 -7.35
N THR A 190 -20.17 15.28 -7.59
CA THR A 190 -20.98 16.41 -7.16
C THR A 190 -22.29 15.91 -6.54
N PRO A 191 -22.38 15.92 -5.20
CA PRO A 191 -21.38 16.40 -4.23
C PRO A 191 -20.13 15.51 -4.18
N ALA A 192 -19.04 16.08 -3.68
CA ALA A 192 -17.76 15.37 -3.62
C ALA A 192 -17.65 14.56 -2.33
N ARG A 193 -17.22 13.31 -2.47
CA ARG A 193 -17.02 12.43 -1.34
C ARG A 193 -15.55 12.41 -0.95
N SER A 194 -15.24 12.09 0.30
CA SER A 194 -13.86 12.16 0.78
C SER A 194 -13.48 11.13 1.83
N GLY A 195 -12.19 11.09 2.13
CA GLY A 195 -11.65 10.27 3.21
C GLY A 195 -10.42 10.95 3.78
N THR A 196 -10.06 10.63 5.02
CA THR A 196 -8.93 11.28 5.67
C THR A 196 -7.90 10.29 6.20
N SER A 197 -6.73 10.82 6.57
CA SER A 197 -5.69 10.05 7.24
C SER A 197 -4.93 10.97 8.18
N LEU A 198 -4.88 10.60 9.46
CA LEU A 198 -4.24 11.42 10.47
C LEU A 198 -2.75 11.12 10.54
N ILE A 199 -1.93 12.02 10.01
CA ILE A 199 -0.48 11.84 9.99
C ILE A 199 0.19 12.47 11.20
N SER A 200 0.68 11.64 12.11
CA SER A 200 1.40 12.14 13.27
C SER A 200 2.91 12.08 13.05
N VAL A 201 3.49 13.23 12.72
CA VAL A 201 4.94 13.32 12.54
C VAL A 201 5.66 13.30 13.87
N ILE A 202 6.40 12.22 14.12
CA ILE A 202 7.23 12.12 15.31
C ILE A 202 8.62 12.69 15.04
N VAL A 203 8.91 13.83 15.64
CA VAL A 203 10.22 14.45 15.48
C VAL A 203 11.26 13.74 16.35
N LEU A 204 12.23 13.10 15.71
CA LEU A 204 13.25 12.34 16.42
C LEU A 204 14.37 13.26 16.91
N ASP A 205 14.82 13.02 18.13
CA ASP A 205 15.78 13.91 18.78
C ASP A 205 17.14 13.91 18.09
N VAL A 206 17.81 15.06 18.12
CA VAL A 206 19.18 15.19 17.64
C VAL A 206 19.97 15.98 18.69
N ASN A 207 21.15 15.53 19.03
CA ASN A 207 21.97 16.19 20.03
C ASN A 207 22.54 17.52 19.53
N ASP A 208 21.67 18.51 19.36
CA ASP A 208 22.08 19.80 18.81
C ASP A 208 22.07 20.90 19.88
N ASN A 209 21.84 20.50 21.13
CA ASN A 209 21.91 21.43 22.25
C ASN A 209 23.01 21.05 23.23
N ALA A 210 23.89 22.00 23.52
CA ALA A 210 24.93 21.79 24.53
C ALA A 210 24.42 22.26 25.89
N PRO A 211 24.94 21.66 26.97
CA PRO A 211 24.54 22.04 28.34
C PRO A 211 24.80 23.51 28.64
N THR A 212 24.01 24.08 29.56
CA THR A 212 24.11 25.50 29.87
C THR A 212 23.89 25.75 31.37
N PHE A 213 24.87 26.40 31.99
CA PHE A 213 24.78 26.75 33.41
C PHE A 213 23.90 27.97 33.61
N GLN A 214 23.32 28.10 34.80
CA GLN A 214 22.42 29.19 35.13
C GLN A 214 23.08 30.55 34.91
N SER A 215 24.37 30.63 35.23
CA SER A 215 25.13 31.85 35.05
C SER A 215 26.50 31.57 34.43
N SER A 216 26.94 32.45 33.54
CA SER A 216 28.23 32.33 32.89
C SER A 216 29.37 32.30 33.91
N VAL A 217 29.37 33.27 34.82
CA VAL A 217 30.33 33.32 35.91
C VAL A 217 29.63 33.60 37.23
N LEU A 218 29.89 32.78 38.24
CA LEU A 218 29.32 33.00 39.56
C LEU A 218 30.41 33.09 40.62
N ARG A 219 30.45 34.23 41.32
CA ARG A 219 31.43 34.45 42.38
C ARG A 219 30.84 34.17 43.75
N VAL A 220 31.59 33.48 44.59
CA VAL A 220 31.16 33.18 45.95
C VAL A 220 32.26 33.44 46.96
N GLY A 221 31.88 33.63 48.22
CA GLY A 221 32.84 33.86 49.29
C GLY A 221 32.96 32.67 50.23
N LEU A 222 34.12 32.55 50.86
CA LEU A 222 34.35 31.45 51.80
C LEU A 222 35.28 31.89 52.94
N PRO A 223 34.83 31.69 54.19
CA PRO A 223 35.62 32.03 55.38
C PRO A 223 36.95 31.28 55.43
N GLU A 224 37.90 31.79 56.21
CA GLU A 224 39.22 31.18 56.31
C GLU A 224 39.20 29.96 57.24
N ASN A 225 38.11 29.80 57.98
CA ASN A 225 37.99 28.70 58.92
C ASN A 225 36.90 27.71 58.52
N THR A 226 36.69 27.57 57.22
CA THR A 226 35.68 26.64 56.70
C THR A 226 36.11 25.19 56.91
N PRO A 227 35.31 24.43 57.69
CA PRO A 227 35.60 23.03 58.00
C PRO A 227 35.38 22.11 56.80
N PRO A 228 36.20 21.06 56.68
CA PRO A 228 36.09 20.07 55.60
C PRO A 228 34.73 19.37 55.60
N GLY A 229 34.20 19.12 54.40
CA GLY A 229 32.92 18.45 54.26
C GLY A 229 31.81 19.40 53.87
N THR A 230 32.01 20.69 54.12
CA THR A 230 31.02 21.70 53.81
C THR A 230 30.85 21.89 52.30
N LEU A 231 29.60 21.81 51.83
CA LEU A 231 29.32 22.01 50.42
C LEU A 231 29.34 23.49 50.07
N LEU A 232 30.23 23.86 49.15
CA LEU A 232 30.36 25.26 48.73
C LEU A 232 29.19 25.67 47.85
N LEU A 233 28.95 24.90 46.79
CA LEU A 233 27.86 25.20 45.87
C LEU A 233 27.47 23.96 45.07
N ARG A 234 26.26 23.98 44.51
CA ARG A 234 25.80 22.92 43.64
C ARG A 234 25.67 23.42 42.21
N LEU A 235 26.42 22.80 41.30
CA LEU A 235 26.40 23.19 39.89
C LEU A 235 25.07 22.85 39.24
N ASN A 236 24.59 23.75 38.37
CA ASN A 236 23.30 23.55 37.73
C ASN A 236 23.35 23.83 36.23
N ALA A 237 23.40 22.75 35.44
CA ALA A 237 23.41 22.85 33.99
C ALA A 237 22.24 22.09 33.39
N THR A 238 21.58 22.69 32.40
CA THR A 238 20.39 22.09 31.81
C THR A 238 20.57 21.80 30.32
N ASP A 239 20.16 20.60 29.91
CA ASP A 239 20.23 20.19 28.51
C ASP A 239 18.82 19.83 28.02
N PRO A 240 18.31 20.61 27.05
CA PRO A 240 16.94 20.44 26.57
C PRO A 240 16.73 19.25 25.64
N ASP A 241 17.81 18.54 25.31
CA ASP A 241 17.70 17.35 24.47
C ASP A 241 17.02 16.22 25.22
N GLU A 242 16.72 15.14 24.51
CA GLU A 242 15.97 14.03 25.07
C GLU A 242 16.88 12.85 25.40
N GLY A 243 16.49 12.08 26.43
CA GLY A 243 17.18 10.86 26.78
C GLY A 243 18.64 11.03 27.17
N THR A 244 19.51 10.29 26.48
CA THR A 244 20.94 10.30 26.78
C THR A 244 21.55 11.67 26.48
N ASN A 245 21.13 12.29 25.38
CA ASN A 245 21.68 13.56 24.94
C ASN A 245 21.33 14.71 25.90
N GLY A 246 20.39 14.46 26.80
CA GLY A 246 19.96 15.47 27.74
C GLY A 246 20.58 15.31 29.12
N GLN A 247 21.11 14.12 29.38
CA GLN A 247 21.75 13.85 30.66
C GLN A 247 23.25 14.17 30.60
N LEU A 248 23.76 14.71 31.70
CA LEU A 248 25.13 15.19 31.72
C LEU A 248 25.90 14.75 32.96
N ASP A 249 27.23 14.77 32.86
CA ASP A 249 28.10 14.48 33.99
C ASP A 249 29.17 15.55 34.14
N TYR A 250 29.22 16.19 35.31
CA TYR A 250 30.11 17.34 35.53
C TYR A 250 31.58 16.94 35.62
N SER A 251 32.44 17.93 35.41
CA SER A 251 33.89 17.72 35.39
C SER A 251 34.65 19.05 35.43
N PHE A 252 35.86 19.02 35.97
CA PHE A 252 36.72 20.20 35.96
C PHE A 252 37.47 20.31 34.64
N GLY A 253 38.06 21.46 34.38
CA GLY A 253 38.86 21.67 33.18
C GLY A 253 40.04 20.71 33.12
N ASP A 254 40.52 20.45 31.91
CA ASP A 254 41.58 19.46 31.71
C ASP A 254 42.94 19.96 32.19
N HIS A 255 43.02 21.22 32.58
CA HIS A 255 44.29 21.81 32.99
C HIS A 255 44.19 22.53 34.33
N THR A 256 43.23 22.12 35.16
CA THR A 256 43.08 22.70 36.48
C THR A 256 44.28 22.34 37.35
N SER A 257 44.79 23.32 38.09
CA SER A 257 45.96 23.13 38.93
C SER A 257 45.74 22.02 39.96
N GLU A 258 46.83 21.32 40.29
CA GLU A 258 46.75 20.19 41.21
C GLU A 258 46.30 20.63 42.59
N THR A 259 46.61 21.88 42.93
CA THR A 259 46.19 22.46 44.21
C THR A 259 44.67 22.55 44.29
N VAL A 260 44.06 23.09 43.24
CA VAL A 260 42.61 23.22 43.18
C VAL A 260 41.96 21.86 43.04
N LYS A 261 42.71 20.90 42.51
CA LYS A 261 42.21 19.55 42.28
C LYS A 261 42.12 18.78 43.59
N ASN A 262 43.03 19.07 44.52
CA ASN A 262 43.05 18.40 45.81
C ASN A 262 42.19 19.11 46.85
N LEU A 263 42.19 20.44 46.81
CA LEU A 263 41.41 21.23 47.76
C LEU A 263 39.91 21.12 47.49
N PHE A 264 39.50 21.39 46.25
CA PHE A 264 38.10 21.37 45.89
C PHE A 264 37.67 20.02 45.33
N GLY A 265 36.62 19.45 45.91
CA GLY A 265 36.07 18.20 45.44
C GLY A 265 34.74 18.41 44.74
N LEU A 266 34.38 17.49 43.86
CA LEU A 266 33.14 17.62 43.10
C LEU A 266 32.47 16.27 42.92
N ASP A 267 31.22 16.31 42.45
CA ASP A 267 30.48 15.09 42.15
C ASP A 267 30.04 15.10 40.70
N PRO A 268 30.51 14.12 39.92
CA PRO A 268 30.17 13.99 38.49
C PRO A 268 28.68 13.78 38.23
N SER A 269 27.88 13.68 39.28
CA SER A 269 26.45 13.46 39.13
C SER A 269 25.63 14.66 39.61
N SER A 270 25.73 14.95 40.91
CA SER A 270 24.96 16.04 41.50
C SER A 270 25.53 17.40 41.14
N GLY A 271 26.85 17.48 41.00
CA GLY A 271 27.51 18.73 40.68
C GLY A 271 27.85 19.54 41.92
N ALA A 272 27.59 18.95 43.09
CA ALA A 272 27.87 19.62 44.36
C ALA A 272 29.37 19.71 44.59
N ILE A 273 29.81 20.85 45.14
CA ILE A 273 31.22 21.08 45.38
C ILE A 273 31.55 21.10 46.87
N HIS A 274 32.35 20.14 47.31
CA HIS A 274 32.77 20.08 48.70
C HIS A 274 34.25 20.39 48.83
N VAL A 275 34.65 20.89 50.00
CA VAL A 275 36.05 21.19 50.25
C VAL A 275 36.66 20.13 51.16
N LEU A 276 37.85 19.64 50.79
CA LEU A 276 38.47 18.53 51.50
C LEU A 276 39.61 18.99 52.42
N GLY A 277 40.55 19.74 51.86
CA GLY A 277 41.72 20.18 52.61
C GLY A 277 41.51 21.49 53.34
N PRO A 278 42.59 22.02 53.95
CA PRO A 278 42.56 23.29 54.67
C PRO A 278 42.56 24.50 53.73
N VAL A 279 42.04 25.64 54.20
CA VAL A 279 41.98 26.84 53.38
C VAL A 279 42.42 28.08 54.16
N ASP A 280 43.70 28.41 54.05
CA ASP A 280 44.25 29.59 54.72
C ASP A 280 44.21 30.80 53.80
N PHE A 281 43.84 31.95 54.36
CA PHE A 281 43.74 33.18 53.58
C PHE A 281 45.11 33.77 53.28
N GLU A 282 46.12 33.31 54.00
CA GLU A 282 47.49 33.79 53.82
C GLU A 282 48.16 33.11 52.63
N GLU A 283 47.76 31.87 52.34
CA GLU A 283 48.33 31.12 51.24
C GLU A 283 47.84 31.64 49.89
N SER A 284 46.53 31.79 49.77
CA SER A 284 45.91 32.33 48.57
C SER A 284 44.52 32.87 48.90
N ASN A 285 44.16 33.99 48.29
CA ASN A 285 42.88 34.64 48.61
C ASN A 285 41.89 34.64 47.46
N PHE A 286 42.19 33.89 46.39
CA PHE A 286 41.33 33.86 45.22
C PHE A 286 41.57 32.62 44.37
N TYR A 287 40.48 32.01 43.91
CA TYR A 287 40.58 30.82 43.06
C TYR A 287 39.55 30.87 41.92
N GLU A 288 40.03 30.70 40.70
CA GLU A 288 39.15 30.54 39.54
C GLU A 288 39.19 29.09 39.06
N ILE A 289 38.05 28.41 39.11
CA ILE A 289 37.99 27.03 38.70
C ILE A 289 37.10 26.86 37.46
N HIS A 290 37.59 26.09 36.50
CA HIS A 290 36.89 25.86 35.23
C HIS A 290 35.94 24.68 35.32
N ALA A 291 34.66 24.97 35.58
CA ALA A 291 33.63 23.93 35.63
C ALA A 291 33.18 23.59 34.22
N ARG A 292 32.69 22.36 34.04
CA ARG A 292 32.33 21.87 32.71
C ARG A 292 31.31 20.74 32.74
N ALA A 293 30.15 20.99 32.15
CA ALA A 293 29.12 19.96 32.02
C ALA A 293 29.18 19.32 30.65
N ARG A 294 29.13 17.99 30.59
CA ARG A 294 29.23 17.26 29.34
C ARG A 294 28.07 16.28 29.18
N ASP A 295 27.40 16.32 28.03
CA ASP A 295 26.25 15.44 27.81
C ASP A 295 26.69 14.09 27.26
N GLN A 296 25.88 13.06 27.54
CA GLN A 296 26.18 11.71 27.10
C GLN A 296 25.59 11.43 25.72
N GLY A 297 26.34 11.78 24.67
CA GLY A 297 25.90 11.55 23.31
C GLY A 297 27.05 11.50 22.33
N GLN A 298 26.74 11.16 21.08
CA GLN A 298 27.74 11.15 20.02
C GLN A 298 27.17 11.79 18.76
N PRO A 299 27.73 12.93 18.34
CA PRO A 299 28.84 13.64 19.00
C PRO A 299 28.42 14.32 20.29
N ALA A 300 29.26 14.20 21.32
CA ALA A 300 28.98 14.83 22.61
C ALA A 300 29.12 16.34 22.51
N MET A 301 28.44 17.05 23.40
CA MET A 301 28.60 18.49 23.50
C MET A 301 28.85 18.87 24.95
N GLU A 302 29.45 20.04 25.17
CA GLU A 302 29.73 20.47 26.53
C GLU A 302 29.54 21.97 26.73
N GLY A 303 29.07 22.33 27.91
CA GLY A 303 28.97 23.73 28.30
C GLY A 303 30.00 24.02 29.37
N HIS A 304 30.39 25.29 29.48
CA HIS A 304 31.46 25.65 30.40
C HIS A 304 31.06 26.75 31.38
N CYS A 305 31.77 26.79 32.51
CA CYS A 305 31.46 27.74 33.56
C CYS A 305 32.72 28.08 34.34
N VAL A 306 32.79 29.30 34.86
CA VAL A 306 33.90 29.69 35.72
C VAL A 306 33.39 30.08 37.11
N ILE A 307 33.92 29.44 38.13
CA ILE A 307 33.53 29.74 39.51
C ILE A 307 34.64 30.47 40.25
N GLN A 308 34.31 31.65 40.76
CA GLN A 308 35.28 32.46 41.50
C GLN A 308 35.07 32.29 43.00
N VAL A 309 36.09 31.75 43.66
CA VAL A 309 36.02 31.52 45.10
C VAL A 309 36.92 32.49 45.87
N ASP A 310 36.30 33.35 46.67
CA ASP A 310 37.05 34.34 47.44
C ASP A 310 37.17 33.94 48.91
N VAL A 311 38.39 33.91 49.42
CA VAL A 311 38.65 33.58 50.82
C VAL A 311 39.50 34.65 51.49
N GLN B 1 -30.97 11.60 25.79
CA GLN B 1 -32.32 12.05 25.48
C GLN B 1 -32.91 11.29 24.30
N LEU B 2 -33.25 12.02 23.24
CA LEU B 2 -33.84 11.40 22.05
C LEU B 2 -32.76 10.77 21.17
N ARG B 3 -33.02 9.54 20.74
CA ARG B 3 -32.06 8.80 19.93
C ARG B 3 -32.73 8.16 18.71
N TYR B 4 -32.38 8.65 17.52
CA TYR B 4 -32.91 8.11 16.29
C TYR B 4 -31.81 7.54 15.41
N SER B 5 -32.16 6.62 14.53
CA SER B 5 -31.18 6.03 13.62
C SER B 5 -31.71 6.04 12.19
N VAL B 6 -30.98 6.70 11.30
CA VAL B 6 -31.33 6.74 9.89
C VAL B 6 -30.23 6.07 9.07
N VAL B 7 -30.60 5.43 7.98
CA VAL B 7 -29.63 4.74 7.12
C VAL B 7 -28.88 5.73 6.25
N GLU B 8 -27.57 5.53 6.17
CA GLU B 8 -26.70 6.31 5.29
C GLU B 8 -27.17 6.29 3.84
N GLU B 9 -26.90 7.36 3.11
CA GLU B 9 -27.23 7.51 1.68
C GLU B 9 -28.74 7.50 1.42
N SER B 10 -29.53 7.67 2.47
CA SER B 10 -30.98 7.76 2.31
C SER B 10 -31.31 9.05 1.56
N GLU B 11 -32.24 8.96 0.63
CA GLU B 11 -32.62 10.10 -0.20
C GLU B 11 -33.33 11.17 0.64
N PRO B 12 -33.12 12.45 0.29
CA PRO B 12 -33.73 13.58 0.99
C PRO B 12 -35.25 13.45 1.13
N GLY B 13 -35.73 13.49 2.37
CA GLY B 13 -37.14 13.32 2.64
C GLY B 13 -37.41 12.04 3.40
N THR B 14 -36.35 11.38 3.85
CA THR B 14 -36.48 10.13 4.60
C THR B 14 -36.77 10.44 6.06
N LEU B 15 -37.76 9.76 6.63
CA LEU B 15 -38.12 9.96 8.02
C LEU B 15 -36.98 9.51 8.95
N VAL B 16 -36.75 10.28 10.00
CA VAL B 16 -35.73 9.96 10.98
C VAL B 16 -36.36 9.63 12.32
N GLY B 17 -37.33 10.45 12.72
CA GLY B 17 -38.06 10.24 13.96
C GLY B 17 -39.18 11.23 14.15
N ASN B 18 -40.20 10.84 14.91
CA ASN B 18 -41.32 11.72 15.20
C ASN B 18 -41.02 12.59 16.42
N VAL B 19 -40.40 13.75 16.18
CA VAL B 19 -39.99 14.64 17.25
C VAL B 19 -41.16 15.10 18.11
N ALA B 20 -42.20 15.62 17.46
CA ALA B 20 -43.38 16.11 18.15
C ALA B 20 -44.10 14.99 18.90
N GLN B 21 -44.23 13.83 18.24
CA GLN B 21 -44.92 12.69 18.84
C GLN B 21 -44.07 11.99 19.90
N ASP B 22 -42.83 12.44 20.06
CA ASP B 22 -41.98 11.94 21.14
C ASP B 22 -41.93 12.94 22.29
N LEU B 23 -42.34 14.18 22.00
CA LEU B 23 -42.43 15.22 23.02
C LEU B 23 -43.87 15.38 23.50
N GLY B 24 -44.80 14.87 22.70
CA GLY B 24 -46.21 14.93 23.03
C GLY B 24 -46.92 16.09 22.38
N LEU B 25 -46.14 17.02 21.82
CA LEU B 25 -46.68 18.21 21.18
C LEU B 25 -47.51 17.87 19.95
N LYS B 26 -48.62 18.57 19.76
CA LYS B 26 -49.48 18.34 18.61
C LYS B 26 -50.35 19.56 18.31
N GLY B 27 -50.79 19.67 17.05
CA GLY B 27 -51.65 20.76 16.64
C GLY B 27 -50.92 22.08 16.56
N THR B 28 -51.46 23.09 17.24
CA THR B 28 -50.89 24.43 17.22
C THR B 28 -49.77 24.58 18.25
N ASP B 29 -49.49 23.50 18.98
CA ASP B 29 -48.42 23.49 19.96
C ASP B 29 -47.06 23.64 19.28
N LEU B 30 -46.97 23.14 18.06
CA LEU B 30 -45.75 23.24 17.27
C LEU B 30 -45.44 24.69 16.92
N LEU B 31 -46.49 25.48 16.70
CA LEU B 31 -46.33 26.88 16.34
C LEU B 31 -46.29 27.78 17.57
N SER B 32 -47.06 27.40 18.59
CA SER B 32 -47.16 28.21 19.81
C SER B 32 -45.86 28.20 20.61
N ARG B 33 -45.07 27.14 20.46
CA ARG B 33 -43.83 27.02 21.20
C ARG B 33 -42.61 27.20 20.29
N ARG B 34 -42.87 27.49 19.02
CA ARG B 34 -41.84 27.77 18.03
C ARG B 34 -40.81 26.65 17.92
N LEU B 35 -41.19 25.58 17.23
CA LEU B 35 -40.30 24.44 17.03
C LEU B 35 -39.23 24.76 15.98
N ARG B 36 -37.98 24.82 16.42
CA ARG B 36 -36.87 25.12 15.53
C ARG B 36 -35.59 24.40 15.97
N LEU B 37 -34.65 24.25 15.04
CA LEU B 37 -33.38 23.60 15.33
C LEU B 37 -32.49 24.51 16.18
N GLY B 38 -31.39 23.96 16.68
CA GLY B 38 -30.45 24.71 17.50
C GLY B 38 -29.71 25.76 16.70
N SER B 39 -29.13 25.36 15.58
CA SER B 39 -28.41 26.28 14.71
C SER B 39 -28.63 25.94 13.24
N GLU B 40 -27.78 26.49 12.37
CA GLU B 40 -27.88 26.22 10.95
C GLU B 40 -26.81 25.24 10.49
N GLU B 41 -26.04 24.73 11.44
CA GLU B 41 -24.97 23.78 11.14
C GLU B 41 -25.53 22.38 10.86
N ASN B 42 -26.32 21.87 11.82
CA ASN B 42 -26.95 20.57 11.66
C ASN B 42 -28.18 20.66 10.77
N GLY B 43 -28.66 21.88 10.54
CA GLY B 43 -29.80 22.12 9.69
C GLY B 43 -29.47 21.88 8.23
N ARG B 44 -28.17 21.80 7.93
CA ARG B 44 -27.71 21.52 6.57
C ARG B 44 -27.94 20.05 6.23
N TYR B 45 -28.13 19.23 7.25
CA TYR B 45 -28.32 17.80 7.06
C TYR B 45 -29.77 17.36 7.26
N PHE B 46 -30.46 18.05 8.17
CA PHE B 46 -31.82 17.65 8.54
C PHE B 46 -32.83 18.78 8.36
N SER B 47 -34.11 18.42 8.40
CA SER B 47 -35.20 19.39 8.33
C SER B 47 -36.39 18.91 9.14
N LEU B 48 -36.84 19.76 10.07
CA LEU B 48 -38.01 19.43 10.89
C LEU B 48 -39.23 20.17 10.34
N SER B 49 -40.28 19.41 10.04
CA SER B 49 -41.51 19.99 9.53
C SER B 49 -42.37 20.56 10.67
N LEU B 50 -42.90 21.76 10.46
CA LEU B 50 -43.75 22.40 11.46
C LEU B 50 -45.15 21.83 11.42
N VAL B 51 -45.43 21.05 10.38
CA VAL B 51 -46.74 20.44 10.21
C VAL B 51 -46.77 19.03 10.81
N SER B 52 -46.00 18.13 10.21
CA SER B 52 -45.98 16.73 10.64
C SER B 52 -45.20 16.55 11.94
N GLY B 53 -44.34 17.51 12.27
CA GLY B 53 -43.54 17.44 13.46
C GLY B 53 -42.55 16.30 13.44
N ALA B 54 -42.20 15.86 12.23
CA ALA B 54 -41.28 14.74 12.06
C ALA B 54 -39.95 15.21 11.47
N LEU B 55 -38.86 14.70 12.03
CA LEU B 55 -37.52 15.05 11.56
C LEU B 55 -37.14 14.22 10.33
N ALA B 56 -36.69 14.88 9.29
CA ALA B 56 -36.33 14.22 8.05
C ALA B 56 -34.94 14.62 7.57
N VAL B 57 -34.35 13.77 6.73
CA VAL B 57 -33.05 14.07 6.13
C VAL B 57 -33.22 15.12 5.04
N SER B 58 -32.34 16.12 5.03
CA SER B 58 -32.43 17.21 4.07
C SER B 58 -31.36 17.12 2.98
N GLN B 59 -30.56 16.05 3.02
CA GLN B 59 -29.44 15.90 2.11
C GLN B 59 -28.92 14.47 2.11
N LYS B 60 -28.43 13.98 0.98
CA LYS B 60 -27.84 12.65 0.93
C LYS B 60 -26.57 12.62 1.79
N ILE B 61 -26.63 11.86 2.88
CA ILE B 61 -25.54 11.83 3.85
C ILE B 61 -24.60 10.66 3.63
N ASP B 62 -23.31 10.97 3.44
CA ASP B 62 -22.30 9.94 3.26
C ASP B 62 -21.59 9.66 4.58
N ARG B 63 -21.83 8.48 5.14
CA ARG B 63 -21.25 8.09 6.41
C ARG B 63 -19.72 8.08 6.34
N GLU B 64 -19.20 7.62 5.20
CA GLU B 64 -17.77 7.52 5.00
C GLU B 64 -17.08 8.88 5.04
N SER B 65 -17.76 9.90 4.54
CA SER B 65 -17.19 11.24 4.47
C SER B 65 -17.31 11.97 5.82
N LEU B 66 -18.14 11.45 6.72
CA LEU B 66 -18.31 12.05 8.04
C LEU B 66 -17.49 11.34 9.11
N CYS B 67 -17.94 10.17 9.53
CA CYS B 67 -17.30 9.44 10.61
C CYS B 67 -16.09 8.63 10.14
N GLY B 68 -15.95 8.48 8.83
CA GLY B 68 -14.86 7.72 8.27
C GLY B 68 -14.89 6.26 8.67
N ALA B 69 -13.97 5.87 9.55
CA ALA B 69 -13.83 4.47 9.94
C ALA B 69 -14.32 4.23 11.36
N SER B 70 -14.98 5.23 11.94
CA SER B 70 -15.48 5.12 13.31
C SER B 70 -16.48 3.98 13.45
N THR B 71 -16.41 3.28 14.58
CA THR B 71 -17.32 2.19 14.87
C THR B 71 -18.76 2.69 14.84
N SER B 72 -18.98 3.87 15.40
CA SER B 72 -20.29 4.48 15.44
C SER B 72 -20.26 5.91 14.91
N CYS B 73 -21.32 6.30 14.22
CA CYS B 73 -21.43 7.65 13.68
C CYS B 73 -22.61 8.37 14.32
N LEU B 74 -22.34 9.13 15.38
CA LEU B 74 -23.39 9.85 16.10
C LEU B 74 -23.39 11.33 15.75
N LEU B 75 -24.45 11.78 15.10
CA LEU B 75 -24.58 13.17 14.71
C LEU B 75 -25.63 13.88 15.56
N PRO B 76 -25.18 14.71 16.51
CA PRO B 76 -26.07 15.39 17.46
C PRO B 76 -26.79 16.60 16.86
N VAL B 77 -27.92 16.97 17.45
CA VAL B 77 -28.67 18.14 17.02
C VAL B 77 -29.61 18.59 18.14
N GLN B 78 -29.76 19.91 18.32
CA GLN B 78 -30.59 20.44 19.39
C GLN B 78 -31.92 20.99 18.87
N VAL B 79 -33.01 20.62 19.54
CA VAL B 79 -34.34 21.13 19.20
C VAL B 79 -34.83 22.09 20.26
N VAL B 80 -34.97 23.37 19.88
CA VAL B 80 -35.35 24.41 20.82
C VAL B 80 -36.85 24.68 20.81
N THR B 81 -37.45 24.60 21.99
CA THR B 81 -38.87 24.92 22.16
C THR B 81 -39.04 26.03 23.19
N GLU B 82 -39.77 27.08 22.81
CA GLU B 82 -39.96 28.23 23.69
C GLU B 82 -41.24 28.10 24.50
N HIS B 83 -41.29 28.85 25.61
CA HIS B 83 -42.47 28.92 26.48
C HIS B 83 -42.92 27.56 27.01
N PRO B 84 -42.17 27.00 27.98
CA PRO B 84 -40.92 27.53 28.54
C PRO B 84 -39.72 27.20 27.69
N LEU B 85 -38.65 27.98 27.83
CA LEU B 85 -37.42 27.76 27.07
C LEU B 85 -36.71 26.49 27.52
N GLU B 86 -36.99 25.39 26.84
CA GLU B 86 -36.38 24.11 27.17
C GLU B 86 -35.89 23.38 25.92
N LEU B 87 -34.59 23.43 25.67
CA LEU B 87 -34.00 22.78 24.50
C LEU B 87 -33.63 21.34 24.83
N THR B 88 -33.77 20.46 23.85
CA THR B 88 -33.45 19.05 24.03
C THR B 88 -32.40 18.58 23.04
N ARG B 89 -31.60 17.60 23.46
CA ARG B 89 -30.54 17.06 22.60
C ARG B 89 -31.00 15.81 21.88
N VAL B 90 -30.77 15.76 20.58
CA VAL B 90 -31.15 14.60 19.78
C VAL B 90 -29.92 13.97 19.13
N GLU B 91 -29.64 12.73 19.49
CA GLU B 91 -28.52 12.00 18.92
C GLU B 91 -28.98 11.12 17.76
N VAL B 92 -28.56 11.48 16.55
CA VAL B 92 -28.93 10.73 15.35
C VAL B 92 -27.77 9.85 14.88
N GLU B 93 -27.93 8.54 15.01
CA GLU B 93 -26.91 7.60 14.57
C GLU B 93 -27.01 7.32 13.07
N ILE B 94 -25.89 7.43 12.36
CA ILE B 94 -25.87 7.15 10.94
C ILE B 94 -25.48 5.71 10.67
N LEU B 95 -26.47 4.89 10.32
CA LEU B 95 -26.24 3.46 10.10
C LEU B 95 -25.48 3.22 8.81
N ASP B 96 -24.47 2.35 8.89
CA ASP B 96 -23.62 2.07 7.74
C ASP B 96 -24.35 1.27 6.67
N LEU B 97 -24.17 1.68 5.43
CA LEU B 97 -24.69 0.94 4.29
C LEU B 97 -23.52 0.29 3.57
N ASN B 98 -23.74 -0.89 2.99
CA ASN B 98 -22.68 -1.58 2.27
C ASN B 98 -22.61 -1.10 0.83
N ASP B 99 -22.27 0.17 0.65
CA ASP B 99 -22.29 0.76 -0.68
C ASP B 99 -20.88 1.03 -1.22
N ASN B 100 -19.88 0.45 -0.57
CA ASN B 100 -18.51 0.55 -1.06
C ASN B 100 -17.96 -0.81 -1.47
N SER B 101 -17.33 -0.87 -2.65
CA SER B 101 -16.79 -2.12 -3.16
C SER B 101 -15.29 -2.19 -2.91
N PRO B 102 -14.80 -3.36 -2.48
CA PRO B 102 -13.37 -3.58 -2.20
C PRO B 102 -12.48 -3.18 -3.37
N SER B 103 -11.39 -2.47 -3.07
CA SER B 103 -10.48 -1.99 -4.11
C SER B 103 -9.03 -2.34 -3.80
N PHE B 104 -8.23 -2.51 -4.84
CA PHE B 104 -6.80 -2.72 -4.71
C PHE B 104 -6.05 -1.49 -5.21
N ALA B 105 -4.85 -1.26 -4.68
CA ALA B 105 -4.05 -0.11 -5.09
C ALA B 105 -3.72 -0.21 -6.58
N THR B 106 -3.64 -1.44 -7.07
CA THR B 106 -3.33 -1.70 -8.47
C THR B 106 -4.09 -2.92 -9.00
N PRO B 107 -4.76 -2.75 -10.14
CA PRO B 107 -5.48 -3.85 -10.81
C PRO B 107 -4.56 -4.99 -11.22
N ASP B 108 -3.28 -4.68 -11.47
CA ASP B 108 -2.32 -5.71 -11.84
C ASP B 108 -0.94 -5.48 -11.23
N ARG B 109 -0.32 -6.55 -10.77
CA ARG B 109 0.97 -6.47 -10.10
C ARG B 109 1.88 -7.61 -10.54
N GLU B 110 3.18 -7.34 -10.65
CA GLU B 110 4.15 -8.36 -11.03
C GLU B 110 4.92 -8.91 -9.84
N MET B 111 5.05 -10.23 -9.80
CA MET B 111 5.87 -10.92 -8.81
C MET B 111 6.99 -11.72 -9.46
N ARG B 112 8.23 -11.37 -9.16
CA ARG B 112 9.35 -12.13 -9.70
C ARG B 112 9.91 -13.10 -8.65
N ILE B 113 9.52 -14.35 -8.77
CA ILE B 113 9.98 -15.40 -7.87
C ILE B 113 11.03 -16.27 -8.58
N SER B 114 12.12 -16.57 -7.88
CA SER B 114 13.18 -17.41 -8.44
C SER B 114 12.72 -18.85 -8.63
N GLU B 115 13.22 -19.46 -9.69
CA GLU B 115 12.91 -20.85 -10.03
C GLU B 115 13.29 -21.82 -8.91
N SER B 116 14.25 -21.41 -8.09
CA SER B 116 14.79 -22.27 -7.05
C SER B 116 14.04 -22.15 -5.72
N ALA B 117 12.97 -21.35 -5.70
CA ALA B 117 12.20 -21.15 -4.47
C ALA B 117 11.64 -22.46 -3.95
N ALA B 118 11.87 -22.71 -2.67
CA ALA B 118 11.42 -23.95 -2.04
C ALA B 118 9.96 -23.84 -1.62
N PRO B 119 9.21 -24.94 -1.80
CA PRO B 119 7.81 -25.02 -1.35
C PRO B 119 7.66 -24.64 0.12
N GLY B 120 6.63 -23.85 0.42
CA GLY B 120 6.43 -23.35 1.78
C GLY B 120 6.80 -21.88 1.85
N ALA B 121 7.44 -21.39 0.80
CA ALA B 121 7.82 -19.97 0.72
C ALA B 121 6.59 -19.08 0.63
N ARG B 122 6.57 -18.03 1.43
CA ARG B 122 5.43 -17.12 1.46
C ARG B 122 5.75 -15.76 0.84
N PHE B 123 4.80 -15.22 0.09
CA PHE B 123 5.00 -13.96 -0.62
C PHE B 123 3.86 -12.99 -0.33
N PRO B 124 4.21 -11.81 0.22
CA PRO B 124 3.25 -10.81 0.70
C PRO B 124 2.36 -10.23 -0.40
N LEU B 125 1.11 -9.98 -0.06
CA LEU B 125 0.15 -9.40 -1.00
C LEU B 125 -0.51 -8.16 -0.42
N ASP B 126 -0.75 -7.17 -1.27
CA ASP B 126 -1.44 -5.95 -0.85
C ASP B 126 -2.84 -6.25 -0.35
N SER B 127 -3.18 -5.68 0.80
CA SER B 127 -4.51 -5.81 1.36
C SER B 127 -5.46 -4.88 0.62
N ALA B 128 -6.72 -5.29 0.48
CA ALA B 128 -7.69 -4.46 -0.22
C ALA B 128 -8.39 -3.49 0.74
N GLN B 129 -8.91 -2.40 0.20
CA GLN B 129 -9.58 -1.38 1.00
C GLN B 129 -11.08 -1.37 0.81
N ASP B 130 -11.80 -1.23 1.91
CA ASP B 130 -13.25 -1.10 1.88
C ASP B 130 -13.69 -0.18 3.00
N PRO B 131 -13.87 1.11 2.69
CA PRO B 131 -14.17 2.18 3.65
C PRO B 131 -15.48 1.99 4.42
N ASP B 132 -16.19 0.89 4.18
CA ASP B 132 -17.34 0.53 5.00
C ASP B 132 -16.87 -0.02 6.33
N VAL B 133 -17.81 -0.44 7.17
CA VAL B 133 -17.46 -0.88 8.52
C VAL B 133 -18.21 -2.16 8.90
N GLY B 134 -17.78 -2.80 9.98
CA GLY B 134 -18.40 -4.03 10.44
C GLY B 134 -18.13 -5.18 9.48
N THR B 135 -19.20 -5.81 9.02
CA THR B 135 -19.08 -6.90 8.06
C THR B 135 -19.08 -6.35 6.64
N ASN B 136 -19.47 -5.09 6.51
CA ASN B 136 -19.56 -4.45 5.20
C ASN B 136 -18.19 -4.18 4.59
N THR B 137 -17.14 -4.33 5.38
CA THR B 137 -15.79 -4.18 4.85
C THR B 137 -15.25 -5.55 4.41
N VAL B 138 -14.00 -5.59 3.97
CA VAL B 138 -13.41 -6.80 3.41
C VAL B 138 -13.47 -7.97 4.39
N SER B 139 -14.07 -9.08 3.94
CA SER B 139 -14.31 -10.22 4.81
C SER B 139 -13.39 -11.41 4.52
N PHE B 140 -13.03 -11.61 3.25
CA PHE B 140 -12.10 -12.69 2.88
C PHE B 140 -11.55 -12.53 1.45
N TYR B 141 -10.52 -13.30 1.15
CA TYR B 141 -9.85 -13.24 -0.15
C TYR B 141 -9.95 -14.57 -0.88
N THR B 142 -9.88 -14.53 -2.22
CA THR B 142 -9.83 -15.75 -3.02
C THR B 142 -8.69 -15.72 -4.00
N LEU B 143 -8.24 -16.89 -4.43
CA LEU B 143 -7.18 -16.99 -5.42
C LEU B 143 -7.61 -17.90 -6.57
N SER B 144 -7.36 -17.45 -7.79
CA SER B 144 -7.76 -18.21 -8.97
C SER B 144 -7.09 -19.58 -8.95
N PRO B 145 -7.91 -20.63 -9.07
CA PRO B 145 -7.47 -22.04 -9.02
C PRO B 145 -6.27 -22.30 -9.91
N ASN B 146 -5.16 -22.69 -9.32
CA ASN B 146 -3.95 -22.99 -10.07
C ASN B 146 -3.24 -24.21 -9.51
N SER B 147 -2.03 -24.46 -9.99
CA SER B 147 -1.34 -25.71 -9.70
C SER B 147 0.02 -25.52 -9.05
N HIS B 148 0.26 -24.35 -8.47
CA HIS B 148 1.54 -24.07 -7.84
C HIS B 148 1.39 -23.27 -6.56
N PHE B 149 0.46 -22.33 -6.56
CA PHE B 149 0.31 -21.42 -5.45
C PHE B 149 -0.94 -21.68 -4.63
N SER B 150 -0.87 -21.34 -3.35
CA SER B 150 -2.01 -21.37 -2.45
C SER B 150 -2.17 -20.00 -1.80
N LEU B 151 -3.36 -19.74 -1.27
CA LEU B 151 -3.61 -18.47 -0.61
C LEU B 151 -3.81 -18.67 0.89
N HIS B 152 -3.04 -17.93 1.68
CA HIS B 152 -3.23 -17.94 3.13
C HIS B 152 -3.44 -16.52 3.65
N VAL B 153 -4.57 -16.30 4.31
CA VAL B 153 -4.89 -15.00 4.88
C VAL B 153 -4.54 -14.97 6.36
N LYS B 154 -3.75 -13.99 6.75
CA LYS B 154 -3.38 -13.82 8.15
C LYS B 154 -4.22 -12.72 8.80
N THR B 155 -4.56 -12.90 10.07
CA THR B 155 -5.29 -11.89 10.82
C THR B 155 -4.65 -11.66 12.19
N LEU B 156 -4.29 -10.41 12.47
CA LEU B 156 -3.62 -10.10 13.72
C LEU B 156 -3.77 -8.63 14.11
N LYS B 157 -3.43 -8.33 15.36
CA LYS B 157 -3.48 -6.96 15.90
C LYS B 157 -4.86 -6.32 15.72
N ASP B 158 -4.96 -5.41 14.76
CA ASP B 158 -6.19 -4.64 14.54
C ASP B 158 -7.37 -5.51 14.13
N GLY B 159 -7.07 -6.73 13.69
CA GLY B 159 -8.12 -7.63 13.23
C GLY B 159 -8.31 -7.55 11.72
N LYS B 160 -7.45 -6.79 11.05
CA LYS B 160 -7.51 -6.67 9.60
C LYS B 160 -6.86 -7.87 8.94
N LEU B 161 -7.23 -8.13 7.69
CA LEU B 161 -6.73 -9.29 6.97
C LEU B 161 -5.51 -8.97 6.12
N PHE B 162 -4.51 -9.85 6.18
CA PHE B 162 -3.32 -9.71 5.36
C PHE B 162 -3.04 -11.00 4.61
N PRO B 163 -3.42 -11.05 3.33
CA PRO B 163 -3.23 -12.26 2.51
C PRO B 163 -1.78 -12.42 2.05
N GLU B 164 -1.43 -13.63 1.64
CA GLU B 164 -0.10 -13.89 1.06
C GLU B 164 -0.10 -15.18 0.26
N LEU B 165 0.72 -15.20 -0.78
CA LEU B 165 0.89 -16.39 -1.62
C LEU B 165 1.73 -17.44 -0.92
N VAL B 166 1.39 -18.71 -1.14
CA VAL B 166 2.18 -19.81 -0.60
C VAL B 166 2.53 -20.78 -1.72
N LEU B 167 3.83 -20.91 -2.00
CA LEU B 167 4.28 -21.82 -3.03
C LEU B 167 4.12 -23.27 -2.57
N GLU B 168 3.32 -24.04 -3.29
CA GLU B 168 3.07 -25.43 -2.93
C GLU B 168 3.95 -26.39 -3.72
N GLN B 169 3.91 -26.28 -5.05
CA GLN B 169 4.76 -27.10 -5.90
C GLN B 169 5.88 -26.26 -6.50
N GLN B 170 7.05 -26.86 -6.69
CA GLN B 170 8.22 -26.14 -7.19
C GLN B 170 7.98 -25.52 -8.55
N LEU B 171 8.57 -24.35 -8.76
CA LEU B 171 8.44 -23.65 -10.04
C LEU B 171 9.55 -24.07 -11.00
N ASP B 172 9.17 -24.32 -12.24
CA ASP B 172 10.13 -24.64 -13.29
C ASP B 172 9.94 -23.71 -14.47
N ARG B 173 10.89 -22.80 -14.68
CA ARG B 173 10.81 -21.86 -15.80
C ARG B 173 10.75 -22.60 -17.14
N GLU B 174 11.39 -23.77 -17.19
CA GLU B 174 11.47 -24.55 -18.41
C GLU B 174 10.10 -25.13 -18.82
N THR B 175 9.17 -25.21 -17.88
CA THR B 175 7.81 -25.62 -18.20
C THR B 175 6.94 -24.41 -18.52
N GLN B 176 6.97 -23.43 -17.63
CA GLN B 176 6.28 -22.16 -17.88
C GLN B 176 6.89 -21.02 -17.06
N ALA B 177 7.30 -19.97 -17.76
CA ALA B 177 7.98 -18.84 -17.15
C ALA B 177 6.99 -17.80 -16.61
N ARG B 178 5.70 -18.01 -16.88
CA ARG B 178 4.67 -17.10 -16.44
C ARG B 178 3.56 -17.83 -15.69
N HIS B 179 3.11 -17.24 -14.59
CA HIS B 179 1.93 -17.72 -13.88
C HIS B 179 0.93 -16.58 -13.69
N GLN B 180 -0.22 -16.71 -14.33
CA GLN B 180 -1.26 -15.69 -14.24
C GLN B 180 -2.26 -16.01 -13.13
N LEU B 181 -2.27 -15.18 -12.08
CA LEU B 181 -3.14 -15.40 -10.94
C LEU B 181 -4.09 -14.24 -10.69
N VAL B 182 -5.32 -14.56 -10.30
CA VAL B 182 -6.30 -13.53 -9.99
C VAL B 182 -6.62 -13.52 -8.50
N LEU B 183 -6.21 -12.44 -7.82
CA LEU B 183 -6.54 -12.26 -6.41
C LEU B 183 -7.82 -11.45 -6.28
N THR B 184 -8.75 -11.95 -5.49
CA THR B 184 -10.04 -11.29 -5.35
C THR B 184 -10.39 -11.06 -3.88
N ALA B 185 -10.74 -9.81 -3.56
CA ALA B 185 -11.20 -9.46 -2.23
C ALA B 185 -12.72 -9.36 -2.21
N VAL B 186 -13.35 -9.89 -1.17
CA VAL B 186 -14.80 -9.93 -1.05
C VAL B 186 -15.26 -9.43 0.31
N ASP B 187 -16.24 -8.52 0.34
CA ASP B 187 -16.77 -8.05 1.62
C ASP B 187 -17.87 -8.96 2.13
N GLY B 188 -18.28 -8.75 3.39
CA GLY B 188 -19.25 -9.63 4.01
C GLY B 188 -20.69 -9.18 3.87
N GLY B 189 -21.03 -8.64 2.70
CA GLY B 189 -22.38 -8.20 2.43
C GLY B 189 -23.21 -9.26 1.74
N THR B 190 -24.52 -9.03 1.65
CA THR B 190 -25.42 -9.93 0.94
C THR B 190 -26.36 -9.12 0.05
N PRO B 191 -26.07 -9.07 -1.27
CA PRO B 191 -24.97 -9.77 -1.94
C PRO B 191 -23.61 -9.14 -1.67
N ALA B 192 -22.55 -9.91 -1.88
CA ALA B 192 -21.21 -9.44 -1.61
C ALA B 192 -20.66 -8.63 -2.78
N ARG B 193 -19.85 -7.63 -2.46
CA ARG B 193 -19.19 -6.81 -3.46
C ARG B 193 -17.72 -7.19 -3.50
N SER B 194 -17.06 -6.99 -4.64
CA SER B 194 -15.67 -7.41 -4.76
C SER B 194 -14.80 -6.52 -5.65
N GLY B 195 -13.50 -6.72 -5.54
CA GLY B 195 -12.51 -6.09 -6.40
C GLY B 195 -11.39 -7.09 -6.64
N THR B 196 -10.60 -6.86 -7.68
CA THR B 196 -9.55 -7.81 -8.04
C THR B 196 -8.20 -7.17 -8.30
N SER B 197 -7.17 -8.01 -8.20
CA SER B 197 -5.82 -7.63 -8.62
C SER B 197 -5.27 -8.77 -9.46
N LEU B 198 -4.73 -8.45 -10.63
CA LEU B 198 -4.19 -9.46 -11.52
C LEU B 198 -2.70 -9.65 -11.23
N ILE B 199 -2.36 -10.79 -10.65
CA ILE B 199 -0.98 -11.03 -10.26
C ILE B 199 -0.23 -11.84 -11.31
N SER B 200 0.73 -11.19 -11.96
CA SER B 200 1.54 -11.85 -12.97
C SER B 200 2.86 -12.33 -12.35
N VAL B 201 2.95 -13.62 -12.08
CA VAL B 201 4.15 -14.20 -11.49
C VAL B 201 5.22 -14.50 -12.55
N ILE B 202 6.31 -13.76 -12.51
CA ILE B 202 7.44 -13.97 -13.42
C ILE B 202 8.44 -14.95 -12.83
N VAL B 203 8.60 -16.10 -13.45
CA VAL B 203 9.56 -17.10 -12.96
C VAL B 203 10.96 -16.76 -13.47
N LEU B 204 11.86 -16.44 -12.54
CA LEU B 204 13.23 -16.06 -12.87
C LEU B 204 14.08 -17.29 -13.17
N ASP B 205 14.90 -17.20 -14.21
CA ASP B 205 15.71 -18.34 -14.65
C ASP B 205 16.81 -18.67 -13.67
N VAL B 206 17.06 -19.97 -13.50
CA VAL B 206 18.20 -20.46 -12.73
C VAL B 206 18.91 -21.51 -13.55
N ASN B 207 20.24 -21.41 -13.64
CA ASN B 207 21.01 -22.38 -14.41
C ASN B 207 20.93 -23.77 -13.80
N ASP B 208 19.81 -24.44 -14.02
CA ASP B 208 19.57 -25.77 -13.44
C ASP B 208 19.55 -26.84 -14.52
N ASN B 209 19.93 -26.46 -15.73
CA ASN B 209 19.98 -27.39 -16.85
C ASN B 209 21.33 -27.36 -17.56
N ALA B 210 21.91 -28.53 -17.77
CA ALA B 210 23.20 -28.64 -18.44
C ALA B 210 23.01 -28.89 -19.94
N PRO B 211 23.98 -28.47 -20.75
CA PRO B 211 23.95 -28.75 -22.19
C PRO B 211 23.88 -30.25 -22.47
N THR B 212 23.24 -30.62 -23.57
CA THR B 212 23.07 -32.04 -23.90
C THR B 212 23.17 -32.28 -25.40
N PHE B 213 24.12 -33.13 -25.79
CA PHE B 213 24.33 -33.45 -27.19
C PHE B 213 23.26 -34.41 -27.70
N GLN B 214 23.01 -34.34 -29.01
CA GLN B 214 21.99 -35.15 -29.66
C GLN B 214 22.16 -36.63 -29.36
N SER B 215 23.38 -37.12 -29.48
CA SER B 215 23.68 -38.52 -29.17
C SER B 215 24.86 -38.61 -28.20
N SER B 216 24.75 -39.52 -27.24
CA SER B 216 25.78 -39.68 -26.20
C SER B 216 27.09 -40.21 -26.79
N VAL B 217 26.99 -40.86 -27.94
CA VAL B 217 28.17 -41.40 -28.63
C VAL B 217 27.95 -41.45 -30.14
N LEU B 218 28.65 -40.58 -30.86
CA LEU B 218 28.51 -40.51 -32.31
C LEU B 218 29.51 -41.44 -33.01
N ARG B 219 29.19 -41.83 -34.24
CA ARG B 219 30.05 -42.71 -35.03
C ARG B 219 29.95 -42.39 -36.52
N VAL B 220 31.07 -41.95 -37.09
CA VAL B 220 31.13 -41.62 -38.52
C VAL B 220 32.39 -42.20 -39.17
N GLY B 221 32.41 -42.21 -40.50
CA GLY B 221 33.55 -42.72 -41.23
C GLY B 221 34.13 -41.72 -42.20
N LEU B 222 35.39 -41.93 -42.60
CA LEU B 222 36.06 -41.03 -43.54
C LEU B 222 37.18 -41.74 -44.29
N PRO B 223 37.26 -41.52 -45.61
CA PRO B 223 38.28 -42.13 -46.47
C PRO B 223 39.70 -41.72 -46.09
N GLU B 224 40.68 -42.47 -46.57
CA GLU B 224 42.09 -42.16 -46.31
C GLU B 224 42.51 -40.88 -47.03
N ASN B 225 41.97 -40.68 -48.23
CA ASN B 225 42.29 -39.51 -49.02
C ASN B 225 41.39 -38.33 -48.68
N THR B 226 41.08 -38.17 -47.40
CA THR B 226 40.24 -37.07 -46.94
C THR B 226 40.99 -35.75 -46.99
N PRO B 227 40.50 -34.80 -47.80
CA PRO B 227 41.15 -33.50 -47.99
C PRO B 227 40.97 -32.56 -46.80
N PRO B 228 42.02 -31.81 -46.45
CA PRO B 228 41.96 -30.83 -45.36
C PRO B 228 40.93 -29.74 -45.63
N GLY B 229 40.13 -29.42 -44.62
CA GLY B 229 39.08 -28.42 -44.77
C GLY B 229 37.71 -29.04 -44.92
N THR B 230 37.67 -30.37 -45.01
CA THR B 230 36.42 -31.10 -45.13
C THR B 230 35.70 -31.18 -43.78
N LEU B 231 34.49 -30.63 -43.74
CA LEU B 231 33.70 -30.66 -42.51
C LEU B 231 33.24 -32.07 -42.17
N LEU B 232 33.60 -32.54 -40.98
CA LEU B 232 33.24 -33.89 -40.55
C LEU B 232 31.77 -33.96 -40.12
N LEU B 233 31.44 -33.26 -39.04
CA LEU B 233 30.06 -33.25 -38.53
C LEU B 233 29.80 -32.00 -37.71
N ARG B 234 28.54 -31.54 -37.71
CA ARG B 234 28.14 -30.37 -36.94
C ARG B 234 27.41 -30.79 -35.68
N LEU B 235 28.07 -30.62 -34.53
CA LEU B 235 27.49 -31.00 -33.25
C LEU B 235 26.26 -30.18 -32.91
N ASN B 236 25.19 -30.86 -32.51
CA ASN B 236 23.98 -30.18 -32.07
C ASN B 236 23.82 -30.30 -30.56
N ALA B 237 24.07 -29.19 -29.86
CA ALA B 237 23.93 -29.15 -28.40
C ALA B 237 22.83 -28.15 -28.02
N THR B 238 22.00 -28.53 -27.06
CA THR B 238 20.88 -27.69 -26.66
C THR B 238 20.87 -27.38 -25.16
N ASP B 239 20.51 -26.16 -24.82
CA ASP B 239 20.36 -25.73 -23.44
C ASP B 239 19.09 -24.91 -23.28
N PRO B 240 18.13 -25.40 -22.47
CA PRO B 240 16.80 -24.80 -22.35
C PRO B 240 16.77 -23.55 -21.48
N ASP B 241 17.87 -23.25 -20.77
CA ASP B 241 17.90 -22.10 -19.88
C ASP B 241 17.86 -20.78 -20.65
N GLU B 242 17.75 -19.69 -19.90
CA GLU B 242 17.58 -18.36 -20.49
C GLU B 242 18.88 -17.55 -20.45
N GLY B 243 19.07 -16.72 -21.46
CA GLY B 243 20.21 -15.80 -21.48
C GLY B 243 21.55 -16.48 -21.60
N THR B 244 22.51 -16.01 -20.81
CA THR B 244 23.87 -16.56 -20.82
C THR B 244 23.90 -17.99 -20.32
N ASN B 245 22.85 -18.39 -19.60
CA ASN B 245 22.73 -19.75 -19.12
C ASN B 245 22.32 -20.70 -20.23
N GLY B 246 21.88 -20.13 -21.35
CA GLY B 246 21.47 -20.93 -22.51
C GLY B 246 22.51 -20.87 -23.62
N GLN B 247 23.40 -19.90 -23.54
CA GLN B 247 24.48 -19.76 -24.50
C GLN B 247 25.62 -20.70 -24.13
N LEU B 248 25.98 -21.58 -25.06
CA LEU B 248 27.01 -22.59 -24.79
C LEU B 248 28.21 -22.46 -25.72
N ASP B 249 29.37 -22.91 -25.25
CA ASP B 249 30.59 -22.88 -26.03
C ASP B 249 31.21 -24.28 -26.14
N TYR B 250 31.28 -24.80 -27.36
CA TYR B 250 31.90 -26.10 -27.59
C TYR B 250 33.39 -26.04 -27.25
N SER B 251 33.91 -27.15 -26.73
CA SER B 251 35.30 -27.21 -26.28
C SER B 251 35.86 -28.64 -26.35
N PHE B 252 37.16 -28.75 -26.61
CA PHE B 252 37.83 -30.04 -26.63
C PHE B 252 38.09 -30.52 -25.20
N GLY B 253 38.37 -31.81 -25.06
CA GLY B 253 38.63 -32.40 -23.75
C GLY B 253 39.85 -31.82 -23.08
N ASP B 254 39.90 -31.94 -21.75
CA ASP B 254 41.04 -31.45 -20.98
C ASP B 254 42.32 -32.21 -21.32
N HIS B 255 42.23 -33.53 -21.30
CA HIS B 255 43.38 -34.38 -21.59
C HIS B 255 43.39 -34.81 -23.05
N THR B 256 42.94 -33.92 -23.93
CA THR B 256 42.90 -34.20 -25.36
C THR B 256 44.30 -34.28 -25.95
N SER B 257 44.54 -35.32 -26.73
CA SER B 257 45.86 -35.56 -27.32
C SER B 257 46.28 -34.43 -28.27
N GLU B 258 47.58 -34.21 -28.37
CA GLU B 258 48.12 -33.16 -29.23
C GLU B 258 47.98 -33.54 -30.70
N THR B 259 48.16 -34.82 -30.99
CA THR B 259 48.02 -35.32 -32.35
C THR B 259 46.60 -35.14 -32.85
N VAL B 260 45.63 -35.33 -31.96
CA VAL B 260 44.23 -35.14 -32.30
C VAL B 260 43.87 -33.66 -32.36
N LYS B 261 44.64 -32.85 -31.64
CA LYS B 261 44.44 -31.40 -31.63
C LYS B 261 45.00 -30.76 -32.90
N ASN B 262 46.12 -31.29 -33.38
CA ASN B 262 46.75 -30.79 -34.60
C ASN B 262 45.99 -31.23 -35.85
N LEU B 263 45.44 -32.43 -35.81
CA LEU B 263 44.71 -32.98 -36.95
C LEU B 263 43.37 -32.29 -37.13
N PHE B 264 42.39 -32.66 -36.30
CA PHE B 264 41.05 -32.10 -36.39
C PHE B 264 40.90 -30.85 -35.54
N GLY B 265 39.93 -30.01 -35.91
CA GLY B 265 39.67 -28.77 -35.18
C GLY B 265 38.20 -28.39 -35.24
N LEU B 266 37.65 -28.01 -34.10
CA LEU B 266 36.23 -27.68 -34.01
C LEU B 266 36.01 -26.22 -33.61
N ASP B 267 35.12 -25.54 -34.32
CA ASP B 267 34.78 -24.15 -34.01
C ASP B 267 33.89 -24.08 -32.78
N PRO B 268 34.28 -23.27 -31.78
CA PRO B 268 33.54 -23.12 -30.53
C PRO B 268 32.12 -22.61 -30.71
N SER B 269 31.85 -21.95 -31.83
CA SER B 269 30.54 -21.37 -32.07
C SER B 269 29.60 -22.32 -32.82
N SER B 270 29.95 -22.62 -34.07
CA SER B 270 29.10 -23.45 -34.92
C SER B 270 29.13 -24.91 -34.49
N GLY B 271 30.24 -25.33 -33.89
CA GLY B 271 30.40 -26.71 -33.46
C GLY B 271 30.73 -27.62 -34.63
N ALA B 272 31.16 -27.02 -35.73
CA ALA B 272 31.51 -27.77 -36.93
C ALA B 272 32.93 -28.31 -36.85
N ILE B 273 33.05 -29.63 -36.87
CA ILE B 273 34.36 -30.27 -36.84
C ILE B 273 34.95 -30.39 -38.24
N HIS B 274 36.15 -29.86 -38.41
CA HIS B 274 36.83 -29.90 -39.71
C HIS B 274 38.24 -30.45 -39.58
N VAL B 275 38.67 -31.21 -40.58
CA VAL B 275 40.02 -31.79 -40.60
C VAL B 275 41.03 -30.79 -41.16
N LEU B 276 42.30 -30.98 -40.82
CA LEU B 276 43.36 -30.10 -41.29
C LEU B 276 44.67 -30.84 -41.49
N GLY B 277 44.72 -32.09 -41.05
CA GLY B 277 45.94 -32.88 -41.15
C GLY B 277 45.79 -34.08 -42.08
N PRO B 278 46.91 -34.76 -42.37
CA PRO B 278 46.93 -35.94 -43.24
C PRO B 278 46.46 -37.21 -42.54
N VAL B 279 45.66 -38.01 -43.22
CA VAL B 279 45.14 -39.26 -42.67
C VAL B 279 45.49 -40.44 -43.57
N ASP B 280 45.83 -41.57 -42.97
CA ASP B 280 46.12 -42.78 -43.72
C ASP B 280 45.85 -44.03 -42.88
N PHE B 281 45.79 -45.18 -43.53
CA PHE B 281 45.53 -46.44 -42.84
C PHE B 281 46.66 -46.82 -41.89
N GLU B 282 47.87 -46.40 -42.23
CA GLU B 282 49.05 -46.74 -41.45
C GLU B 282 49.12 -45.95 -40.14
N GLU B 283 48.84 -44.66 -40.22
CA GLU B 283 48.97 -43.76 -39.08
C GLU B 283 47.97 -44.08 -37.97
N SER B 284 46.70 -44.25 -38.33
CA SER B 284 45.66 -44.47 -37.34
C SER B 284 44.43 -45.15 -37.94
N ASN B 285 44.05 -46.28 -37.35
CA ASN B 285 42.85 -47.01 -37.77
C ASN B 285 41.61 -46.19 -37.50
N PHE B 286 41.49 -45.69 -36.27
CA PHE B 286 40.36 -44.86 -35.88
C PHE B 286 40.80 -43.79 -34.89
N TYR B 287 39.84 -43.06 -34.35
CA TYR B 287 40.13 -42.00 -33.39
C TYR B 287 38.88 -41.58 -32.64
N GLU B 288 38.98 -41.52 -31.31
CA GLU B 288 37.87 -41.07 -30.49
C GLU B 288 38.05 -39.62 -30.05
N ILE B 289 37.11 -38.77 -30.42
CA ILE B 289 37.17 -37.36 -30.05
C ILE B 289 36.20 -37.06 -28.91
N HIS B 290 36.68 -36.33 -27.91
CA HIS B 290 35.86 -35.97 -26.76
C HIS B 290 35.32 -34.55 -26.87
N ALA B 291 34.05 -34.44 -27.25
CA ALA B 291 33.38 -33.15 -27.33
C ALA B 291 32.90 -32.73 -25.94
N ARG B 292 32.77 -31.43 -25.72
CA ARG B 292 32.39 -30.91 -24.41
C ARG B 292 31.77 -29.51 -24.51
N ALA B 293 30.46 -29.44 -24.32
CA ALA B 293 29.75 -28.16 -24.38
C ALA B 293 29.73 -27.48 -23.00
N ARG B 294 30.43 -26.35 -22.90
CA ARG B 294 30.48 -25.61 -21.65
C ARG B 294 29.51 -24.44 -21.65
N ASP B 295 28.84 -24.24 -20.52
CA ASP B 295 27.87 -23.15 -20.38
C ASP B 295 28.57 -21.86 -19.94
N GLN B 296 27.91 -20.74 -20.14
CA GLN B 296 28.48 -19.44 -19.79
C GLN B 296 27.81 -18.86 -18.55
N GLY B 297 27.30 -19.72 -17.69
CA GLY B 297 26.65 -19.28 -16.47
C GLY B 297 27.62 -19.20 -15.29
N GLN B 298 27.11 -18.78 -14.15
CA GLN B 298 27.90 -18.69 -12.93
C GLN B 298 27.10 -19.20 -11.73
N PRO B 299 27.31 -20.48 -11.35
CA PRO B 299 28.26 -21.43 -11.95
C PRO B 299 27.80 -21.95 -13.32
N ALA B 300 28.73 -22.53 -14.07
CA ALA B 300 28.44 -23.01 -15.41
C ALA B 300 28.16 -24.51 -15.42
N MET B 301 27.40 -24.95 -16.42
CA MET B 301 27.08 -26.36 -16.60
C MET B 301 27.86 -26.92 -17.78
N GLU B 302 27.95 -28.24 -17.88
CA GLU B 302 28.73 -28.85 -18.96
C GLU B 302 28.07 -30.10 -19.54
N GLY B 303 28.31 -30.34 -20.82
CA GLY B 303 27.81 -31.52 -21.51
C GLY B 303 28.93 -32.31 -22.14
N HIS B 304 28.71 -33.61 -22.36
CA HIS B 304 29.77 -34.47 -22.87
C HIS B 304 29.30 -35.36 -24.01
N CYS B 305 30.19 -35.59 -24.97
CA CYS B 305 29.88 -36.41 -26.14
C CYS B 305 31.13 -37.12 -26.62
N VAL B 306 30.98 -38.36 -27.10
CA VAL B 306 32.11 -39.13 -27.60
C VAL B 306 31.94 -39.46 -29.08
N ILE B 307 32.75 -38.84 -29.93
CA ILE B 307 32.68 -39.07 -31.36
C ILE B 307 33.74 -40.07 -31.82
N GLN B 308 33.32 -41.05 -32.60
CA GLN B 308 34.22 -42.07 -33.12
C GLN B 308 34.39 -41.96 -34.63
N VAL B 309 35.60 -41.68 -35.08
CA VAL B 309 35.91 -41.59 -36.50
C VAL B 309 36.31 -42.95 -37.07
N ASP B 310 35.84 -43.26 -38.27
CA ASP B 310 36.12 -44.55 -38.90
C ASP B 310 36.70 -44.37 -40.29
N VAL B 311 37.11 -45.47 -40.92
CA VAL B 311 37.68 -45.43 -42.26
C VAL B 311 37.23 -46.63 -43.08
C1 NAG C . 18.64 25.09 37.50
C2 NAG C . 17.59 25.26 38.58
C3 NAG C . 16.20 24.99 38.01
C4 NAG C . 15.96 25.86 36.77
C5 NAG C . 17.11 25.71 35.78
C6 NAG C . 17.01 26.66 34.61
C7 NAG C . 18.15 24.85 40.93
C8 NAG C . 18.40 23.80 41.99
N2 NAG C . 17.85 24.38 39.71
O3 NAG C . 15.23 25.26 39.00
O4 NAG C . 14.76 25.48 36.10
O5 NAG C . 18.36 25.98 36.42
O6 NAG C . 18.23 27.35 34.40
O7 NAG C . 18.22 26.04 41.17
C1 NAG C . 13.51 26.07 36.54
C2 NAG C . 13.40 27.60 36.34
C3 NAG C . 11.97 28.08 36.55
C4 NAG C . 10.99 27.29 35.70
C5 NAG C . 11.15 25.80 36.02
C6 NAG C . 10.25 24.92 35.17
C7 NAG C . 15.17 29.25 36.82
C8 NAG C . 16.01 29.88 37.88
N2 NAG C . 14.30 28.31 37.23
O3 NAG C . 11.88 29.47 36.22
O4 NAG C . 9.66 27.69 35.98
O5 NAG C . 12.50 25.40 35.74
O6 NAG C . 8.89 25.10 35.51
O7 NAG C . 15.24 29.58 35.64
C1 NAG D . 19.07 -29.94 -32.42
C2 NAG D . 18.20 -29.52 -33.61
C3 NAG D . 16.73 -29.50 -33.23
C4 NAG D . 16.27 -30.90 -32.85
C5 NAG D . 17.27 -31.58 -31.93
C6 NAG D . 18.03 -32.72 -32.57
C7 NAG D . 19.68 -28.02 -34.89
C8 NAG D . 19.96 -26.62 -35.31
N2 NAG D . 18.62 -28.21 -34.12
O3 NAG D . 15.97 -29.00 -34.31
O4 NAG D . 15.03 -30.82 -32.16
O5 NAG D . 18.23 -30.64 -31.43
O6 NAG D . 19.03 -33.23 -31.70
O7 NAG D . 20.41 -28.96 -35.24
C1 NAG D . 13.87 -31.05 -32.98
C2 NAG D . 13.29 -32.44 -32.66
C3 NAG D . 11.97 -32.66 -33.42
C4 NAG D . 11.01 -31.51 -33.16
C5 NAG D . 11.68 -30.19 -33.51
C6 NAG D . 10.81 -28.99 -33.20
C7 NAG D . 14.73 -33.77 -34.18
C8 NAG D . 15.69 -34.91 -34.26
N2 NAG D . 14.23 -33.50 -32.96
O3 NAG D . 11.39 -33.88 -32.99
O4 NAG D . 9.83 -31.67 -33.96
O5 NAG D . 12.89 -30.04 -32.73
O6 NAG D . 9.55 -29.07 -33.86
O7 NAG D . 14.41 -33.11 -35.17
CA CA E . 22.86 17.73 24.65
CA CA F . 16.88 21.24 17.98
CA CA G . 17.49 17.96 20.11
CA CA H . -16.15 8.27 -5.80
CA CA I . -19.44 3.36 -8.99
CA CA J . -20.81 0.53 -6.69
C1 MAN K . -14.22 15.24 2.78
C2 MAN K . -15.26 15.37 3.90
C3 MAN K . -16.65 15.60 3.28
C4 MAN K . -16.62 16.74 2.26
C5 MAN K . -15.56 16.50 1.19
C6 MAN K . -15.39 17.67 0.24
O2 MAN K . -14.99 16.54 4.69
O3 MAN K . -17.64 15.84 4.27
O4 MAN K . -17.89 16.84 1.62
O5 MAN K . -14.29 16.29 1.84
O6 MAN K . -14.48 18.60 0.83
C1 MAN L . -10.12 12.07 9.07
C2 MAN L . -9.01 11.34 9.84
C3 MAN L . -9.42 9.90 10.17
C4 MAN L . -10.81 9.86 10.81
C5 MAN L . -11.83 10.58 9.91
C6 MAN L . -13.21 10.66 10.54
O2 MAN L . -8.76 11.96 11.11
O3 MAN L . -8.48 9.26 11.03
O4 MAN L . -11.21 8.51 10.98
O5 MAN L . -11.38 11.94 9.69
O6 MAN L . -13.17 11.63 11.58
CA CA M . 22.44 -24.05 -18.74
CA CA N . 14.20 -25.75 -13.74
CA CA O . 16.44 -22.79 -15.68
CA CA P . -18.22 -2.86 1.38
CA CA Q . -20.95 2.78 3.83
CA CA R . -21.17 5.77 1.37
C1 MAN S . -16.45 -10.44 -6.74
C2 MAN S . -17.08 -10.50 -8.14
C3 MAN S . -18.59 -10.51 -8.04
C4 MAN S . -19.04 -11.63 -7.11
C5 MAN S . -18.44 -11.39 -5.72
C6 MAN S . -18.80 -12.48 -4.73
O2 MAN S . -16.72 -11.71 -8.81
O3 MAN S . -19.20 -10.68 -9.32
O4 MAN S . -20.45 -11.65 -7.01
O5 MAN S . -17.00 -11.38 -5.83
O6 MAN S . -17.98 -13.61 -5.01
C1 MAN T . -9.44 -8.05 -11.52
C2 MAN T . -9.24 -6.62 -12.03
C3 MAN T . -10.58 -5.99 -12.42
C4 MAN T . -11.42 -6.93 -13.32
C5 MAN T . -11.51 -8.33 -12.68
C6 MAN T . -12.18 -9.35 -13.56
O2 MAN T . -8.44 -6.61 -13.22
O3 MAN T . -10.40 -4.73 -13.06
O4 MAN T . -12.74 -6.42 -13.49
O5 MAN T . -10.18 -8.82 -12.42
O6 MAN T . -11.16 -10.11 -14.22
#